data_1BK8
#
_entry.id   1BK8
#
_cell.length_a   1.000
_cell.length_b   1.000
_cell.length_c   1.000
_cell.angle_alpha   90.00
_cell.angle_beta   90.00
_cell.angle_gamma   90.00
#
_symmetry.space_group_name_H-M   'P 1'
#
_entity_poly.entity_id   1
_entity_poly.type   'polypeptide(L)'
_entity_poly.pdbx_seq_one_letter_code
;LCNERPSQTWSGNCGNTAHCDKQCQDWEKASHGACHKRENHWKCFCYFNC
;
_entity_poly.pdbx_strand_id   A
#
# COMPACT_ATOMS: atom_id res chain seq x y z
N LEU A 1 1.84 1.80 -15.67
CA LEU A 1 0.50 1.32 -15.25
C LEU A 1 0.50 1.07 -13.74
N CYS A 2 -0.28 1.83 -12.98
CA CYS A 2 -0.23 1.86 -11.52
C CYS A 2 -0.93 0.64 -10.93
N ASN A 3 -0.26 -0.51 -10.91
CA ASN A 3 -0.89 -1.76 -10.48
C ASN A 3 -1.07 -1.76 -8.96
N GLU A 4 -2.33 -1.65 -8.55
CA GLU A 4 -2.79 -1.59 -7.18
C GLU A 4 -2.68 -3.00 -6.58
N ARG A 5 -1.53 -3.31 -5.98
CA ARG A 5 -1.19 -4.59 -5.39
C ARG A 5 -1.43 -4.52 -3.88
N PRO A 6 -1.97 -5.57 -3.25
CA PRO A 6 -2.33 -5.55 -1.83
C PRO A 6 -1.11 -5.48 -0.91
N SER A 7 -1.40 -5.30 0.39
CA SER A 7 -0.43 -5.17 1.45
C SER A 7 0.54 -6.36 1.49
N GLN A 8 1.79 -6.15 1.04
CA GLN A 8 2.89 -7.09 1.18
C GLN A 8 3.55 -6.88 2.55
N THR A 9 4.08 -5.68 2.76
CA THR A 9 4.80 -5.26 3.94
C THR A 9 3.83 -5.03 5.09
N TRP A 10 2.83 -4.21 4.81
CA TRP A 10 1.83 -3.81 5.77
C TRP A 10 1.00 -5.03 6.20
N SER A 11 0.50 -5.00 7.43
CA SER A 11 -0.21 -6.10 8.04
C SER A 11 -1.72 -5.98 7.77
N GLY A 12 -2.53 -6.13 8.84
CA GLY A 12 -3.98 -6.12 8.79
C GLY A 12 -4.51 -4.78 8.30
N ASN A 13 -4.83 -3.93 9.26
CA ASN A 13 -5.55 -2.69 9.04
C ASN A 13 -4.59 -1.51 8.83
N CYS A 14 -5.04 -0.48 8.10
CA CYS A 14 -4.28 0.68 7.64
C CYS A 14 -5.02 1.94 8.06
N GLY A 15 -4.28 3.03 8.28
CA GLY A 15 -4.85 4.31 8.65
C GLY A 15 -3.88 5.42 8.27
N ASN A 16 -2.62 5.25 8.69
CA ASN A 16 -1.54 6.16 8.32
C ASN A 16 -1.14 5.94 6.87
N THR A 17 -1.98 6.43 5.96
CA THR A 17 -1.78 6.27 4.53
C THR A 17 -0.48 6.96 4.07
N ALA A 18 -0.06 8.02 4.77
CA ALA A 18 1.24 8.64 4.52
C ALA A 18 2.34 7.61 4.77
N HIS A 19 2.27 6.86 5.88
CA HIS A 19 3.23 5.79 6.11
C HIS A 19 3.09 4.73 5.02
N CYS A 20 1.87 4.24 4.79
CA CYS A 20 1.58 3.24 3.76
C CYS A 20 2.28 3.58 2.45
N ASP A 21 2.18 4.85 2.06
CA ASP A 21 2.68 5.33 0.80
C ASP A 21 4.20 5.17 0.73
N LYS A 22 4.88 5.27 1.88
CA LYS A 22 6.31 5.01 1.95
C LYS A 22 6.62 3.53 2.12
N GLN A 23 5.78 2.82 2.89
CA GLN A 23 5.95 1.42 3.28
C GLN A 23 5.53 0.49 2.11
N CYS A 24 6.03 0.82 0.92
CA CYS A 24 5.68 0.28 -0.38
C CYS A 24 6.77 0.74 -1.34
N GLN A 25 7.07 2.04 -1.27
CA GLN A 25 8.09 2.71 -2.05
C GLN A 25 9.49 2.37 -1.50
N ASP A 26 9.69 2.49 -0.20
CA ASP A 26 11.00 2.35 0.42
C ASP A 26 11.30 0.88 0.70
N TRP A 27 10.35 0.20 1.35
CA TRP A 27 10.53 -1.14 1.88
C TRP A 27 10.55 -2.12 0.72
N GLU A 28 9.39 -2.24 0.06
CA GLU A 28 9.24 -2.90 -1.22
C GLU A 28 9.86 -1.93 -2.25
N LYS A 29 9.33 -1.78 -3.46
CA LYS A 29 9.94 -1.00 -4.51
C LYS A 29 8.82 -0.68 -5.49
N ALA A 30 7.74 -0.13 -4.93
CA ALA A 30 6.59 0.38 -5.65
C ALA A 30 6.83 1.84 -6.04
N SER A 31 5.95 2.41 -6.86
CA SER A 31 5.92 3.83 -7.10
C SER A 31 5.46 4.53 -5.81
N HIS A 32 4.36 4.05 -5.22
CA HIS A 32 3.89 4.55 -3.93
C HIS A 32 2.94 3.52 -3.30
N GLY A 33 2.17 3.96 -2.29
CA GLY A 33 1.11 3.20 -1.66
C GLY A 33 -0.04 4.09 -1.22
N ALA A 34 -1.15 3.48 -0.78
CA ALA A 34 -2.32 4.17 -0.27
C ALA A 34 -3.25 3.18 0.47
N CYS A 35 -3.87 3.59 1.59
CA CYS A 35 -4.79 2.74 2.36
C CYS A 35 -6.12 2.59 1.60
N HIS A 36 -6.76 1.42 1.58
CA HIS A 36 -8.14 1.24 1.11
C HIS A 36 -8.86 0.18 1.91
N LYS A 37 -10.18 0.31 2.06
CA LYS A 37 -10.99 -0.73 2.67
C LYS A 37 -11.33 -1.79 1.63
N ARG A 38 -11.14 -3.05 2.01
CA ARG A 38 -11.54 -4.23 1.27
C ARG A 38 -12.02 -5.25 2.31
N GLU A 39 -13.22 -5.82 2.13
CA GLU A 39 -13.79 -6.80 3.05
C GLU A 39 -13.71 -6.32 4.51
N ASN A 40 -13.97 -5.03 4.70
CA ASN A 40 -13.94 -4.31 5.97
C ASN A 40 -12.55 -4.26 6.63
N HIS A 41 -11.49 -4.47 5.86
CA HIS A 41 -10.12 -4.35 6.30
C HIS A 41 -9.44 -3.26 5.49
N TRP A 42 -8.95 -2.21 6.14
CA TRP A 42 -8.18 -1.19 5.45
C TRP A 42 -6.78 -1.71 5.15
N LYS A 43 -6.47 -2.08 3.90
CA LYS A 43 -5.13 -2.53 3.54
C LYS A 43 -4.37 -1.35 2.98
N CYS A 44 -3.09 -1.25 3.34
CA CYS A 44 -2.16 -0.46 2.57
C CYS A 44 -1.92 -1.17 1.25
N PHE A 45 -2.47 -0.65 0.15
CA PHE A 45 -2.12 -1.18 -1.16
C PHE A 45 -0.91 -0.42 -1.65
N CYS A 46 -0.01 -1.13 -2.32
CA CYS A 46 1.13 -0.59 -3.02
C CYS A 46 0.77 -0.47 -4.49
N TYR A 47 1.46 0.43 -5.18
CA TYR A 47 1.18 0.80 -6.56
C TYR A 47 2.52 0.80 -7.27
N PHE A 48 2.80 -0.22 -8.09
CA PHE A 48 4.10 -0.31 -8.73
C PHE A 48 4.03 0.33 -10.10
N ASN A 49 5.19 0.33 -10.79
CA ASN A 49 5.39 0.57 -12.22
C ASN A 49 4.37 1.56 -12.81
N CYS A 50 4.15 2.67 -12.10
CA CYS A 50 2.98 3.52 -12.34
C CYS A 50 3.20 4.48 -13.51
N LEU A 1 2.36 0.33 -16.18
CA LEU A 1 1.05 0.85 -15.75
C LEU A 1 0.90 0.59 -14.26
N CYS A 2 0.16 1.44 -13.55
CA CYS A 2 0.08 1.44 -12.09
C CYS A 2 -0.52 0.14 -11.55
N ASN A 3 0.37 -0.84 -11.35
CA ASN A 3 0.03 -2.17 -10.92
C ASN A 3 -0.31 -2.07 -9.45
N GLU A 4 -1.56 -1.73 -9.16
CA GLU A 4 -2.11 -1.60 -7.83
C GLU A 4 -2.30 -3.02 -7.31
N ARG A 5 -1.78 -3.31 -6.11
CA ARG A 5 -1.93 -4.59 -5.47
C ARG A 5 -1.97 -4.39 -3.94
N PRO A 6 -2.61 -5.32 -3.20
CA PRO A 6 -2.73 -5.26 -1.75
C PRO A 6 -1.40 -5.14 -1.00
N SER A 7 -1.54 -4.98 0.31
CA SER A 7 -0.50 -5.02 1.32
C SER A 7 0.40 -6.25 1.17
N GLN A 8 1.67 -6.03 0.80
CA GLN A 8 2.72 -7.02 0.93
C GLN A 8 3.45 -6.78 2.25
N THR A 9 4.10 -5.63 2.39
CA THR A 9 4.93 -5.26 3.53
C THR A 9 4.05 -4.96 4.73
N TRP A 10 3.04 -4.13 4.49
CA TRP A 10 2.10 -3.72 5.51
C TRP A 10 1.13 -4.86 5.78
N SER A 11 1.60 -5.97 6.34
CA SER A 11 0.79 -7.17 6.45
C SER A 11 -0.22 -7.10 7.61
N GLY A 12 -1.16 -6.15 7.52
CA GLY A 12 -2.18 -5.93 8.54
C GLY A 12 -3.19 -4.89 8.05
N ASN A 13 -3.74 -4.11 8.99
CA ASN A 13 -4.65 -3.01 8.71
C ASN A 13 -3.87 -1.69 8.70
N CYS A 14 -4.30 -0.73 7.89
CA CYS A 14 -3.74 0.60 7.76
C CYS A 14 -3.69 1.31 9.12
N GLY A 15 -2.76 2.26 9.25
CA GLY A 15 -2.63 3.16 10.38
C GLY A 15 -2.66 4.60 9.88
N ASN A 16 -1.79 4.90 8.91
CA ASN A 16 -1.74 6.17 8.21
C ASN A 16 -1.32 5.93 6.75
N THR A 17 -2.08 6.47 5.80
CA THR A 17 -1.80 6.26 4.38
C THR A 17 -0.48 6.90 3.96
N ALA A 18 -0.03 7.93 4.66
CA ALA A 18 1.32 8.46 4.47
C ALA A 18 2.33 7.35 4.76
N HIS A 19 2.20 6.71 5.93
CA HIS A 19 3.08 5.62 6.31
C HIS A 19 2.94 4.47 5.31
N CYS A 20 1.72 4.13 4.87
CA CYS A 20 1.51 3.15 3.81
C CYS A 20 2.39 3.45 2.61
N ASP A 21 2.36 4.71 2.15
CA ASP A 21 3.15 5.11 0.99
C ASP A 21 4.64 4.95 1.28
N LYS A 22 5.09 5.33 2.49
CA LYS A 22 6.46 5.03 2.90
C LYS A 22 6.74 3.55 2.71
N GLN A 23 5.91 2.68 3.28
CA GLN A 23 6.15 1.25 3.17
C GLN A 23 5.74 0.65 1.81
N CYS A 24 5.86 1.41 0.73
CA CYS A 24 5.66 0.98 -0.65
C CYS A 24 6.85 1.50 -1.44
N GLN A 25 7.14 2.81 -1.32
CA GLN A 25 8.32 3.39 -1.94
C GLN A 25 9.59 2.98 -1.18
N ASP A 26 9.65 3.32 0.12
CA ASP A 26 10.87 3.20 0.89
C ASP A 26 11.20 1.73 1.04
N TRP A 27 10.21 0.98 1.51
CA TRP A 27 10.35 -0.45 1.74
C TRP A 27 10.31 -1.16 0.38
N GLU A 28 9.10 -1.36 -0.16
CA GLU A 28 8.85 -2.55 -0.96
C GLU A 28 9.52 -2.45 -2.33
N LYS A 29 9.22 -1.39 -3.07
CA LYS A 29 9.84 -0.86 -4.27
C LYS A 29 8.72 -0.59 -5.27
N ALA A 30 7.77 0.26 -4.88
CA ALA A 30 6.59 0.58 -5.67
C ALA A 30 6.52 2.10 -5.85
N SER A 31 5.85 2.57 -6.90
CA SER A 31 5.77 3.97 -7.23
C SER A 31 5.14 4.77 -6.09
N HIS A 32 4.07 4.25 -5.47
CA HIS A 32 3.52 4.82 -4.25
C HIS A 32 2.70 3.78 -3.50
N GLY A 33 2.16 4.18 -2.35
CA GLY A 33 1.15 3.45 -1.61
C GLY A 33 -0.10 4.30 -1.38
N ALA A 34 -1.21 3.65 -1.02
CA ALA A 34 -2.44 4.30 -0.58
C ALA A 34 -3.35 3.28 0.10
N CYS A 35 -3.94 3.64 1.25
CA CYS A 35 -4.81 2.75 2.01
C CYS A 35 -6.22 2.68 1.41
N HIS A 36 -6.88 1.52 1.46
CA HIS A 36 -8.28 1.34 1.04
C HIS A 36 -8.98 0.31 1.92
N LYS A 37 -10.28 0.53 2.18
CA LYS A 37 -11.11 -0.44 2.88
C LYS A 37 -11.62 -1.49 1.91
N ARG A 38 -11.34 -2.75 2.21
CA ARG A 38 -11.68 -3.91 1.41
C ARG A 38 -12.12 -5.01 2.39
N GLU A 39 -13.33 -5.54 2.24
CA GLU A 39 -13.95 -6.48 3.19
C GLU A 39 -13.83 -5.97 4.63
N ASN A 40 -14.05 -4.67 4.80
CA ASN A 40 -13.96 -3.95 6.06
C ASN A 40 -12.57 -3.94 6.69
N HIS A 41 -11.53 -4.22 5.91
CA HIS A 41 -10.14 -4.14 6.34
C HIS A 41 -9.46 -3.08 5.52
N TRP A 42 -8.90 -2.06 6.17
CA TRP A 42 -8.14 -1.04 5.48
C TRP A 42 -6.78 -1.61 5.12
N LYS A 43 -6.56 -2.00 3.86
CA LYS A 43 -5.27 -2.48 3.41
C LYS A 43 -4.51 -1.30 2.86
N CYS A 44 -3.24 -1.18 3.24
CA CYS A 44 -2.28 -0.38 2.50
C CYS A 44 -2.03 -1.07 1.17
N PHE A 45 -2.52 -0.51 0.06
CA PHE A 45 -2.21 -1.01 -1.27
C PHE A 45 -0.96 -0.29 -1.76
N CYS A 46 -0.14 -0.98 -2.54
CA CYS A 46 1.05 -0.45 -3.20
C CYS A 46 0.82 -0.51 -4.70
N TYR A 47 1.51 0.37 -5.41
CA TYR A 47 1.30 0.64 -6.82
C TYR A 47 2.64 0.53 -7.51
N PHE A 48 2.89 -0.57 -8.21
CA PHE A 48 4.26 -0.92 -8.55
C PHE A 48 4.68 -0.19 -9.82
N ASN A 49 4.19 -0.67 -10.96
CA ASN A 49 4.73 -0.39 -12.29
C ASN A 49 4.14 0.93 -12.84
N CYS A 50 3.89 1.89 -11.96
CA CYS A 50 3.24 3.15 -12.29
C CYS A 50 4.23 4.13 -12.92
N LEU A 1 2.33 0.25 -16.45
CA LEU A 1 0.91 0.52 -16.13
C LEU A 1 0.70 0.23 -14.65
N CYS A 2 0.14 1.18 -13.89
CA CYS A 2 0.10 1.16 -12.43
C CYS A 2 -0.42 -0.16 -11.86
N ASN A 3 0.51 -1.04 -11.46
CA ASN A 3 0.18 -2.33 -10.89
C ASN A 3 -0.16 -2.10 -9.43
N GLU A 4 -1.43 -1.81 -9.18
CA GLU A 4 -2.01 -1.71 -7.86
C GLU A 4 -2.13 -3.13 -7.32
N ARG A 5 -1.58 -3.38 -6.14
CA ARG A 5 -1.62 -4.67 -5.46
C ARG A 5 -1.76 -4.41 -3.95
N PRO A 6 -2.37 -5.35 -3.19
CA PRO A 6 -2.65 -5.15 -1.78
C PRO A 6 -1.37 -5.12 -0.93
N SER A 7 -1.56 -4.93 0.37
CA SER A 7 -0.52 -4.90 1.37
C SER A 7 0.34 -6.17 1.34
N GLN A 8 1.56 -6.06 0.82
CA GLN A 8 2.54 -7.13 0.83
C GLN A 8 3.32 -7.08 2.15
N THR A 9 4.00 -5.97 2.44
CA THR A 9 4.72 -5.81 3.70
C THR A 9 3.76 -5.56 4.84
N TRP A 10 2.86 -4.59 4.65
CA TRP A 10 1.96 -4.07 5.66
C TRP A 10 0.96 -5.15 6.11
N SER A 11 1.42 -6.09 6.93
CA SER A 11 0.67 -7.29 7.22
C SER A 11 -0.37 -7.04 8.32
N GLY A 12 -1.37 -6.20 8.01
CA GLY A 12 -2.44 -5.91 8.93
C GLY A 12 -3.41 -4.89 8.34
N ASN A 13 -4.00 -4.07 9.22
CA ASN A 13 -4.87 -2.97 8.86
C ASN A 13 -4.03 -1.69 8.77
N CYS A 14 -4.45 -0.75 7.93
CA CYS A 14 -3.83 0.56 7.78
C CYS A 14 -3.78 1.29 9.11
N GLY A 15 -2.76 2.14 9.27
CA GLY A 15 -2.59 3.04 10.39
C GLY A 15 -2.68 4.48 9.89
N ASN A 16 -1.89 4.78 8.86
CA ASN A 16 -1.95 6.04 8.13
C ASN A 16 -1.46 5.82 6.69
N THR A 17 -2.23 6.29 5.72
CA THR A 17 -1.85 6.20 4.31
C THR A 17 -0.51 6.92 4.07
N ALA A 18 -0.27 7.99 4.84
CA ALA A 18 0.99 8.72 4.81
C ALA A 18 2.17 7.85 5.23
N HIS A 19 1.93 6.75 5.97
CA HIS A 19 2.94 5.74 6.29
C HIS A 19 2.93 4.66 5.21
N CYS A 20 1.74 4.18 4.83
CA CYS A 20 1.56 3.18 3.78
C CYS A 20 2.45 3.47 2.57
N ASP A 21 2.37 4.72 2.09
CA ASP A 21 3.11 5.12 0.92
C ASP A 21 4.61 5.01 1.19
N LYS A 22 5.05 5.40 2.40
CA LYS A 22 6.46 5.26 2.76
C LYS A 22 6.86 3.81 2.63
N GLN A 23 6.10 2.90 3.25
CA GLN A 23 6.45 1.49 3.19
C GLN A 23 6.55 1.01 1.75
N CYS A 24 5.51 1.26 0.96
CA CYS A 24 5.46 0.81 -0.43
C CYS A 24 6.65 1.33 -1.25
N GLN A 25 7.09 2.56 -1.01
CA GLN A 25 8.24 3.12 -1.74
C GLN A 25 9.58 2.63 -1.14
N ASP A 26 9.67 2.57 0.19
CA ASP A 26 10.91 2.32 0.92
C ASP A 26 11.20 0.84 1.05
N TRP A 27 10.26 0.10 1.65
CA TRP A 27 10.40 -1.29 2.00
C TRP A 27 10.30 -2.11 0.73
N GLU A 28 9.17 -1.93 0.06
CA GLU A 28 8.91 -2.45 -1.27
C GLU A 28 9.65 -1.52 -2.24
N LYS A 29 9.16 -1.33 -3.47
CA LYS A 29 9.74 -0.50 -4.50
C LYS A 29 8.61 -0.25 -5.49
N ALA A 30 7.51 0.24 -4.92
CA ALA A 30 6.34 0.69 -5.63
C ALA A 30 6.56 2.13 -6.07
N SER A 31 5.85 2.57 -7.10
CA SER A 31 5.71 3.96 -7.47
C SER A 31 5.17 4.76 -6.28
N HIS A 32 4.11 4.25 -5.62
CA HIS A 32 3.59 4.84 -4.40
C HIS A 32 2.77 3.81 -3.62
N GLY A 33 2.22 4.22 -2.48
CA GLY A 33 1.20 3.49 -1.74
C GLY A 33 -0.02 4.35 -1.46
N ALA A 34 -1.13 3.70 -1.07
CA ALA A 34 -2.38 4.34 -0.64
C ALA A 34 -3.27 3.32 0.06
N CYS A 35 -3.84 3.65 1.23
CA CYS A 35 -4.70 2.75 1.97
C CYS A 35 -6.10 2.69 1.35
N HIS A 36 -6.76 1.51 1.39
CA HIS A 36 -8.16 1.36 0.99
C HIS A 36 -8.88 0.34 1.87
N LYS A 37 -10.17 0.54 2.10
CA LYS A 37 -10.99 -0.45 2.79
C LYS A 37 -11.49 -1.49 1.80
N ARG A 38 -11.15 -2.76 2.08
CA ARG A 38 -11.65 -3.95 1.44
C ARG A 38 -12.18 -4.87 2.53
N GLU A 39 -13.42 -5.36 2.40
CA GLU A 39 -14.03 -6.29 3.36
C GLU A 39 -13.82 -5.80 4.80
N ASN A 40 -14.09 -4.51 5.02
CA ASN A 40 -13.92 -3.76 6.24
C ASN A 40 -12.46 -3.50 6.67
N HIS A 41 -11.50 -4.22 6.08
CA HIS A 41 -10.09 -4.12 6.40
C HIS A 41 -9.44 -3.05 5.54
N TRP A 42 -8.88 -2.02 6.16
CA TRP A 42 -8.09 -1.05 5.43
C TRP A 42 -6.74 -1.64 5.10
N LYS A 43 -6.46 -1.96 3.84
CA LYS A 43 -5.17 -2.46 3.41
C LYS A 43 -4.40 -1.29 2.84
N CYS A 44 -3.13 -1.17 3.23
CA CYS A 44 -2.17 -0.36 2.51
C CYS A 44 -1.92 -1.00 1.15
N PHE A 45 -2.50 -0.46 0.07
CA PHE A 45 -2.21 -0.94 -1.27
C PHE A 45 -0.96 -0.22 -1.76
N CYS A 46 -0.18 -0.92 -2.58
CA CYS A 46 1.03 -0.43 -3.20
C CYS A 46 0.83 -0.50 -4.70
N TYR A 47 1.48 0.41 -5.39
CA TYR A 47 1.27 0.67 -6.80
C TYR A 47 2.64 0.64 -7.45
N PHE A 48 2.97 -0.44 -8.15
CA PHE A 48 4.22 -0.53 -8.86
C PHE A 48 3.96 -0.01 -10.27
N ASN A 49 5.00 -0.03 -11.10
CA ASN A 49 4.84 -0.03 -12.55
C ASN A 49 4.11 1.21 -13.10
N CYS A 50 4.03 2.29 -12.32
CA CYS A 50 3.13 3.41 -12.59
C CYS A 50 3.89 4.60 -13.16
N LEU A 1 2.55 0.68 -16.26
CA LEU A 1 1.13 0.91 -15.94
C LEU A 1 0.84 0.49 -14.50
N CYS A 2 -0.04 1.21 -13.80
CA CYS A 2 -0.14 1.15 -12.36
C CYS A 2 -0.74 -0.17 -11.86
N ASN A 3 0.07 -1.22 -11.76
CA ASN A 3 -0.41 -2.47 -11.17
C ASN A 3 -0.49 -2.24 -9.66
N GLU A 4 -1.72 -2.22 -9.15
CA GLU A 4 -2.05 -2.06 -7.76
C GLU A 4 -2.02 -3.45 -7.13
N ARG A 5 -1.42 -3.58 -5.95
CA ARG A 5 -1.36 -4.82 -5.19
C ARG A 5 -1.54 -4.51 -3.72
N PRO A 6 -1.96 -5.51 -2.94
CA PRO A 6 -2.46 -5.26 -1.61
C PRO A 6 -1.32 -5.04 -0.61
N SER A 7 -1.66 -4.98 0.67
CA SER A 7 -0.68 -5.00 1.74
C SER A 7 0.10 -6.31 1.71
N GLN A 8 1.32 -6.23 1.21
CA GLN A 8 2.32 -7.27 1.15
C GLN A 8 3.28 -7.09 2.33
N THR A 9 3.80 -5.87 2.48
CA THR A 9 4.62 -5.43 3.58
C THR A 9 3.77 -5.21 4.83
N TRP A 10 2.71 -4.42 4.65
CA TRP A 10 2.09 -3.72 5.75
C TRP A 10 1.44 -4.67 6.78
N SER A 11 1.54 -4.28 8.05
CA SER A 11 1.05 -5.01 9.19
C SER A 11 -0.48 -4.91 9.27
N GLY A 12 -1.17 -5.66 8.42
CA GLY A 12 -2.59 -5.89 8.57
C GLY A 12 -3.43 -4.71 8.10
N ASN A 13 -3.79 -3.86 9.06
CA ASN A 13 -4.73 -2.77 8.89
C ASN A 13 -4.02 -1.41 8.83
N CYS A 14 -4.47 -0.53 7.94
CA CYS A 14 -3.72 0.60 7.43
C CYS A 14 -3.79 1.80 8.36
N GLY A 15 -2.94 1.80 9.40
CA GLY A 15 -2.90 2.82 10.43
C GLY A 15 -2.77 4.25 9.87
N ASN A 16 -1.98 4.43 8.82
CA ASN A 16 -1.77 5.75 8.21
C ASN A 16 -1.26 5.65 6.78
N THR A 17 -2.00 6.25 5.84
CA THR A 17 -1.67 6.24 4.41
C THR A 17 -0.29 6.85 4.16
N ALA A 18 0.07 7.89 4.92
CA ALA A 18 1.36 8.54 4.82
C ALA A 18 2.50 7.62 5.25
N HIS A 19 2.20 6.55 6.01
CA HIS A 19 3.14 5.49 6.31
C HIS A 19 3.02 4.39 5.25
N CYS A 20 1.80 4.01 4.87
CA CYS A 20 1.53 3.02 3.82
C CYS A 20 2.41 3.26 2.60
N ASP A 21 2.42 4.51 2.14
CA ASP A 21 3.14 4.89 0.94
C ASP A 21 4.64 4.65 1.15
N LYS A 22 5.14 4.94 2.37
CA LYS A 22 6.53 4.62 2.70
C LYS A 22 6.75 3.12 2.57
N GLN A 23 5.87 2.31 3.18
CA GLN A 23 6.02 0.87 3.10
C GLN A 23 5.61 0.26 1.75
N CYS A 24 5.86 0.99 0.67
CA CYS A 24 5.60 0.61 -0.71
C CYS A 24 6.73 1.19 -1.56
N GLN A 25 7.04 2.48 -1.37
CA GLN A 25 8.16 3.12 -2.04
C GLN A 25 9.49 2.69 -1.41
N ASP A 26 9.60 2.77 -0.08
CA ASP A 26 10.86 2.60 0.63
C ASP A 26 11.19 1.12 0.74
N TRP A 27 10.23 0.36 1.27
CA TRP A 27 10.42 -1.04 1.63
C TRP A 27 10.45 -1.90 0.37
N GLU A 28 9.35 -1.88 -0.38
CA GLU A 28 9.26 -2.52 -1.68
C GLU A 28 9.91 -1.57 -2.68
N LYS A 29 9.33 -1.35 -3.86
CA LYS A 29 9.77 -0.39 -4.86
C LYS A 29 8.57 -0.17 -5.79
N ALA A 30 7.49 0.29 -5.16
CA ALA A 30 6.31 0.77 -5.85
C ALA A 30 6.50 2.24 -6.22
N SER A 31 5.70 2.75 -7.16
CA SER A 31 5.62 4.17 -7.42
C SER A 31 5.04 4.89 -6.21
N HIS A 32 3.99 4.34 -5.59
CA HIS A 32 3.47 4.85 -4.33
C HIS A 32 2.70 3.77 -3.59
N GLY A 33 2.18 4.11 -2.40
CA GLY A 33 1.15 3.36 -1.71
C GLY A 33 0.02 4.26 -1.26
N ALA A 34 -1.09 3.66 -0.80
CA ALA A 34 -2.25 4.36 -0.26
C ALA A 34 -3.17 3.37 0.48
N CYS A 35 -3.82 3.81 1.56
CA CYS A 35 -4.76 3.01 2.33
C CYS A 35 -6.08 2.87 1.55
N HIS A 36 -6.74 1.70 1.57
CA HIS A 36 -8.13 1.54 1.11
C HIS A 36 -8.88 0.57 2.00
N LYS A 37 -10.19 0.77 2.18
CA LYS A 37 -11.04 -0.22 2.81
C LYS A 37 -11.49 -1.23 1.76
N ARG A 38 -11.37 -2.52 2.09
CA ARG A 38 -11.73 -3.63 1.23
C ARG A 38 -12.16 -4.78 2.13
N GLU A 39 -13.35 -5.36 1.88
CA GLU A 39 -14.00 -6.32 2.78
C GLU A 39 -13.94 -5.85 4.24
N ASN A 40 -14.18 -4.57 4.45
CA ASN A 40 -14.15 -3.88 5.73
C ASN A 40 -12.80 -3.91 6.44
N HIS A 41 -11.72 -4.15 5.70
CA HIS A 41 -10.36 -4.12 6.21
C HIS A 41 -9.61 -3.02 5.47
N TRP A 42 -9.05 -2.05 6.19
CA TRP A 42 -8.25 -1.01 5.60
C TRP A 42 -6.88 -1.57 5.24
N LYS A 43 -6.61 -1.89 3.97
CA LYS A 43 -5.31 -2.39 3.55
C LYS A 43 -4.49 -1.22 3.03
N CYS A 44 -3.20 -1.22 3.33
CA CYS A 44 -2.25 -0.42 2.61
C CYS A 44 -2.00 -1.09 1.26
N PHE A 45 -2.43 -0.47 0.17
CA PHE A 45 -2.16 -0.98 -1.17
C PHE A 45 -0.94 -0.24 -1.72
N CYS A 46 -0.16 -0.93 -2.55
CA CYS A 46 1.02 -0.43 -3.25
C CYS A 46 0.74 -0.45 -4.74
N TYR A 47 1.40 0.42 -5.50
CA TYR A 47 1.11 0.74 -6.88
C TYR A 47 2.41 0.83 -7.66
N PHE A 48 2.71 -0.13 -8.53
CA PHE A 48 4.04 -0.20 -9.10
C PHE A 48 4.06 0.36 -10.51
N ASN A 49 5.25 0.39 -11.13
CA ASN A 49 5.51 0.77 -12.52
C ASN A 49 4.53 1.84 -13.05
N CYS A 50 4.25 2.85 -12.22
CA CYS A 50 3.18 3.83 -12.44
C CYS A 50 3.78 5.21 -12.71
N LEU A 1 2.14 1.52 -16.14
CA LEU A 1 0.77 1.79 -15.68
C LEU A 1 0.62 1.19 -14.28
N CYS A 2 -0.07 1.85 -13.34
CA CYS A 2 0.04 1.51 -11.95
C CYS A 2 -0.52 0.11 -11.64
N ASN A 3 0.33 -0.89 -11.49
CA ASN A 3 -0.09 -2.21 -11.03
C ASN A 3 -0.31 -2.15 -9.53
N GLU A 4 -1.57 -2.06 -9.10
CA GLU A 4 -1.96 -2.04 -7.72
C GLU A 4 -1.82 -3.47 -7.16
N ARG A 5 -1.22 -3.61 -5.98
CA ARG A 5 -1.06 -4.84 -5.24
C ARG A 5 -1.50 -4.55 -3.80
N PRO A 6 -2.15 -5.49 -3.11
CA PRO A 6 -2.58 -5.25 -1.74
C PRO A 6 -1.41 -5.32 -0.77
N SER A 7 -1.70 -5.13 0.52
CA SER A 7 -0.76 -5.16 1.64
C SER A 7 0.36 -6.18 1.46
N GLN A 8 1.59 -5.68 1.26
CA GLN A 8 2.80 -6.48 1.17
C GLN A 8 3.41 -6.58 2.56
N THR A 9 4.34 -5.68 2.89
CA THR A 9 5.02 -5.66 4.18
C THR A 9 4.09 -5.13 5.25
N TRP A 10 3.13 -4.28 4.86
CA TRP A 10 2.08 -3.86 5.76
C TRP A 10 1.10 -5.03 5.96
N SER A 11 1.54 -6.12 6.57
CA SER A 11 0.79 -7.35 6.58
C SER A 11 -0.31 -7.34 7.66
N GLY A 12 -1.26 -6.41 7.55
CA GLY A 12 -2.34 -6.26 8.52
C GLY A 12 -3.31 -5.19 8.05
N ASN A 13 -3.74 -4.34 8.98
CA ASN A 13 -4.64 -3.21 8.71
C ASN A 13 -3.83 -1.91 8.75
N CYS A 14 -4.21 -0.96 7.91
CA CYS A 14 -3.65 0.38 7.80
C CYS A 14 -3.67 1.11 9.14
N GLY A 15 -2.78 2.10 9.26
CA GLY A 15 -2.68 3.03 10.37
C GLY A 15 -2.72 4.47 9.86
N ASN A 16 -1.87 4.75 8.87
CA ASN A 16 -1.82 6.04 8.18
C ASN A 16 -1.44 5.84 6.71
N THR A 17 -2.26 6.36 5.80
CA THR A 17 -2.05 6.27 4.36
C THR A 17 -0.75 6.99 3.96
N ALA A 18 -0.37 8.06 4.67
CA ALA A 18 0.92 8.70 4.45
C ALA A 18 2.04 7.68 4.67
N HIS A 19 2.00 6.96 5.79
CA HIS A 19 2.97 5.91 6.02
C HIS A 19 2.81 4.83 4.94
N CYS A 20 1.60 4.43 4.58
CA CYS A 20 1.40 3.43 3.52
C CYS A 20 2.19 3.80 2.27
N ASP A 21 2.05 5.06 1.87
CA ASP A 21 2.69 5.57 0.68
C ASP A 21 4.21 5.49 0.82
N LYS A 22 4.76 5.89 1.98
CA LYS A 22 6.18 5.68 2.23
C LYS A 22 6.55 4.21 2.11
N GLN A 23 5.81 3.38 2.84
CA GLN A 23 6.14 2.02 3.22
C GLN A 23 6.35 1.24 1.91
N CYS A 24 5.39 1.38 0.99
CA CYS A 24 5.44 0.77 -0.34
C CYS A 24 6.63 1.23 -1.18
N GLN A 25 7.10 2.46 -0.99
CA GLN A 25 8.25 2.99 -1.72
C GLN A 25 9.57 2.59 -1.03
N ASP A 26 9.54 2.52 0.30
CA ASP A 26 10.70 2.35 1.17
C ASP A 26 11.07 0.88 1.31
N TRP A 27 10.12 0.07 1.78
CA TRP A 27 10.33 -1.35 2.06
C TRP A 27 10.30 -2.10 0.74
N GLU A 28 9.16 -2.03 0.07
CA GLU A 28 9.01 -2.37 -1.33
C GLU A 28 9.66 -1.24 -2.13
N LYS A 29 9.27 -1.03 -3.38
CA LYS A 29 9.77 -0.03 -4.30
C LYS A 29 8.70 0.08 -5.37
N ALA A 30 7.50 0.37 -4.87
CA ALA A 30 6.36 0.72 -5.68
C ALA A 30 6.55 2.14 -6.23
N SER A 31 5.77 2.52 -7.24
CA SER A 31 5.61 3.89 -7.62
C SER A 31 5.10 4.69 -6.42
N HIS A 32 4.11 4.15 -5.69
CA HIS A 32 3.63 4.76 -4.46
C HIS A 32 2.75 3.78 -3.66
N GLY A 33 2.09 4.26 -2.61
CA GLY A 33 1.10 3.50 -1.83
C GLY A 33 -0.12 4.35 -1.44
N ALA A 34 -1.19 3.70 -0.99
CA ALA A 34 -2.40 4.35 -0.50
C ALA A 34 -3.30 3.31 0.18
N CYS A 35 -3.90 3.64 1.34
CA CYS A 35 -4.76 2.73 2.07
C CYS A 35 -6.16 2.68 1.45
N HIS A 36 -6.83 1.52 1.46
CA HIS A 36 -8.22 1.37 1.04
C HIS A 36 -8.94 0.34 1.93
N LYS A 37 -10.23 0.55 2.17
CA LYS A 37 -11.07 -0.44 2.83
C LYS A 37 -11.59 -1.45 1.81
N ARG A 38 -11.44 -2.74 2.15
CA ARG A 38 -12.05 -3.85 1.45
C ARG A 38 -12.40 -4.91 2.49
N GLU A 39 -13.59 -5.51 2.40
CA GLU A 39 -14.14 -6.47 3.36
C GLU A 39 -13.93 -5.98 4.80
N ASN A 40 -14.18 -4.70 5.02
CA ASN A 40 -14.04 -3.98 6.29
C ASN A 40 -12.63 -3.98 6.86
N HIS A 41 -11.62 -4.23 6.03
CA HIS A 41 -10.21 -4.17 6.39
C HIS A 41 -9.57 -3.08 5.55
N TRP A 42 -9.01 -2.06 6.21
CA TRP A 42 -8.21 -1.06 5.54
C TRP A 42 -6.87 -1.66 5.22
N LYS A 43 -6.59 -2.01 3.96
CA LYS A 43 -5.27 -2.50 3.57
C LYS A 43 -4.48 -1.31 3.07
N CYS A 44 -3.19 -1.25 3.39
CA CYS A 44 -2.27 -0.41 2.66
C CYS A 44 -2.03 -1.07 1.30
N PHE A 45 -2.50 -0.46 0.21
CA PHE A 45 -2.23 -0.95 -1.12
C PHE A 45 -1.01 -0.23 -1.67
N CYS A 46 -0.21 -0.93 -2.46
CA CYS A 46 0.98 -0.44 -3.13
C CYS A 46 0.72 -0.46 -4.62
N TYR A 47 1.43 0.38 -5.36
CA TYR A 47 1.14 0.70 -6.74
C TYR A 47 2.46 0.71 -7.49
N PHE A 48 2.76 -0.33 -8.28
CA PHE A 48 4.05 -0.49 -8.91
C PHE A 48 3.98 -0.08 -10.37
N ASN A 49 5.12 -0.20 -11.06
CA ASN A 49 5.31 -0.08 -12.51
C ASN A 49 4.49 1.04 -13.15
N CYS A 50 4.29 2.18 -12.47
CA CYS A 50 3.33 3.14 -12.98
C CYS A 50 3.90 3.95 -14.13
N LEU A 1 1.78 -0.43 -15.80
CA LEU A 1 0.55 0.16 -15.25
C LEU A 1 0.61 0.09 -13.73
N CYS A 2 0.06 1.09 -13.04
CA CYS A 2 0.10 1.28 -11.58
C CYS A 2 -0.60 0.11 -10.87
N ASN A 3 0.09 -1.02 -10.70
CA ASN A 3 -0.58 -2.33 -10.69
C ASN A 3 -1.37 -2.66 -9.42
N GLU A 4 -1.62 -1.70 -8.54
CA GLU A 4 -2.51 -1.80 -7.39
C GLU A 4 -2.38 -3.14 -6.69
N ARG A 5 -1.26 -3.35 -6.02
CA ARG A 5 -0.87 -4.61 -5.39
C ARG A 5 -1.13 -4.46 -3.88
N PRO A 6 -1.57 -5.53 -3.19
CA PRO A 6 -2.09 -5.36 -1.85
C PRO A 6 -0.97 -5.24 -0.82
N SER A 7 -1.36 -5.17 0.45
CA SER A 7 -0.48 -5.27 1.60
C SER A 7 0.40 -6.52 1.50
N GLN A 8 1.69 -6.33 1.23
CA GLN A 8 2.72 -7.35 1.28
C GLN A 8 3.52 -7.18 2.59
N THR A 9 4.17 -6.02 2.74
CA THR A 9 4.95 -5.71 3.93
C THR A 9 3.99 -5.41 5.08
N TRP A 10 3.08 -4.48 4.83
CA TRP A 10 2.04 -4.07 5.75
C TRP A 10 0.97 -5.16 5.86
N SER A 11 1.34 -6.38 6.25
CA SER A 11 0.41 -7.48 6.40
C SER A 11 -0.41 -7.31 7.68
N GLY A 12 -1.30 -6.33 7.67
CA GLY A 12 -2.22 -6.04 8.75
C GLY A 12 -3.28 -5.06 8.24
N ASN A 13 -3.88 -4.29 9.16
CA ASN A 13 -4.75 -3.18 8.81
C ASN A 13 -3.90 -1.90 8.73
N CYS A 14 -4.29 -0.97 7.86
CA CYS A 14 -3.69 0.35 7.72
C CYS A 14 -3.66 1.08 9.05
N GLY A 15 -2.66 1.94 9.23
CA GLY A 15 -2.51 2.85 10.35
C GLY A 15 -2.61 4.29 9.84
N ASN A 16 -1.80 4.61 8.83
CA ASN A 16 -1.82 5.88 8.13
C ASN A 16 -1.32 5.69 6.70
N THR A 17 -2.10 6.17 5.72
CA THR A 17 -1.74 6.14 4.32
C THR A 17 -0.41 6.87 4.08
N ALA A 18 -0.18 7.94 4.85
CA ALA A 18 1.05 8.71 4.81
C ALA A 18 2.25 7.89 5.26
N HIS A 19 2.05 6.77 5.98
CA HIS A 19 3.08 5.78 6.25
C HIS A 19 3.08 4.70 5.15
N CYS A 20 1.89 4.19 4.80
CA CYS A 20 1.71 3.16 3.76
C CYS A 20 2.58 3.45 2.53
N ASP A 21 2.48 4.68 2.04
CA ASP A 21 3.18 5.08 0.83
C ASP A 21 4.70 4.99 1.09
N LYS A 22 5.16 5.45 2.26
CA LYS A 22 6.57 5.36 2.61
C LYS A 22 7.00 3.91 2.54
N GLN A 23 6.28 3.02 3.24
CA GLN A 23 6.65 1.61 3.21
C GLN A 23 6.77 1.09 1.76
N CYS A 24 5.72 1.31 0.96
CA CYS A 24 5.68 0.83 -0.41
C CYS A 24 6.86 1.35 -1.26
N GLN A 25 7.29 2.60 -1.06
CA GLN A 25 8.40 3.16 -1.81
C GLN A 25 9.76 2.73 -1.21
N ASP A 26 9.84 2.67 0.13
CA ASP A 26 11.07 2.48 0.89
C ASP A 26 11.43 1.00 1.04
N TRP A 27 10.51 0.23 1.62
CA TRP A 27 10.70 -1.16 1.99
C TRP A 27 10.67 -1.98 0.71
N GLU A 28 9.56 -1.81 0.00
CA GLU A 28 9.37 -2.30 -1.36
C GLU A 28 10.05 -1.28 -2.28
N LYS A 29 9.56 -1.09 -3.51
CA LYS A 29 10.07 -0.19 -4.52
C LYS A 29 8.92 0.00 -5.50
N ALA A 30 7.77 0.35 -4.92
CA ALA A 30 6.58 0.72 -5.66
C ALA A 30 6.73 2.16 -6.11
N SER A 31 5.97 2.55 -7.14
CA SER A 31 5.82 3.92 -7.54
C SER A 31 5.27 4.74 -6.36
N HIS A 32 4.24 4.22 -5.69
CA HIS A 32 3.74 4.79 -4.45
C HIS A 32 2.94 3.73 -3.68
N GLY A 33 2.41 4.13 -2.53
CA GLY A 33 1.38 3.39 -1.81
C GLY A 33 0.20 4.29 -1.44
N ALA A 34 -0.89 3.67 -0.98
CA ALA A 34 -2.11 4.33 -0.55
C ALA A 34 -3.02 3.31 0.14
N CYS A 35 -3.65 3.66 1.28
CA CYS A 35 -4.54 2.78 2.00
C CYS A 35 -5.94 2.76 1.39
N HIS A 36 -6.64 1.62 1.42
CA HIS A 36 -8.05 1.54 1.05
C HIS A 36 -8.75 0.45 1.87
N LYS A 37 -10.07 0.56 1.97
CA LYS A 37 -10.89 -0.49 2.55
C LYS A 37 -11.19 -1.55 1.50
N ARG A 38 -11.08 -2.82 1.90
CA ARG A 38 -11.46 -4.00 1.14
C ARG A 38 -12.06 -4.98 2.14
N GLU A 39 -13.25 -5.51 1.88
CA GLU A 39 -13.94 -6.44 2.78
C GLU A 39 -13.90 -5.95 4.23
N ASN A 40 -14.19 -4.67 4.41
CA ASN A 40 -14.17 -3.90 5.66
C ASN A 40 -12.77 -3.65 6.24
N HIS A 41 -11.74 -4.33 5.75
CA HIS A 41 -10.38 -4.23 6.25
C HIS A 41 -9.63 -3.15 5.46
N TRP A 42 -9.11 -2.14 6.16
CA TRP A 42 -8.28 -1.13 5.52
C TRP A 42 -6.90 -1.71 5.27
N LYS A 43 -6.51 -1.92 4.02
CA LYS A 43 -5.19 -2.41 3.64
C LYS A 43 -4.40 -1.25 3.08
N CYS A 44 -3.12 -1.17 3.46
CA CYS A 44 -2.15 -0.42 2.70
C CYS A 44 -1.90 -1.15 1.39
N PHE A 45 -2.19 -0.50 0.26
CA PHE A 45 -1.88 -1.02 -1.06
C PHE A 45 -0.67 -0.27 -1.60
N CYS A 46 0.11 -0.95 -2.43
CA CYS A 46 1.26 -0.44 -3.15
C CYS A 46 0.93 -0.45 -4.63
N TYR A 47 1.69 0.30 -5.42
CA TYR A 47 1.44 0.49 -6.82
C TYR A 47 2.79 0.49 -7.51
N PHE A 48 3.18 -0.59 -8.18
CA PHE A 48 4.42 -0.63 -8.90
C PHE A 48 4.13 -0.34 -10.37
N ASN A 49 5.17 -0.36 -11.20
CA ASN A 49 5.09 -0.25 -12.66
C ASN A 49 4.21 0.91 -13.13
N CYS A 50 4.13 2.01 -12.38
CA CYS A 50 3.13 3.03 -12.65
C CYS A 50 3.53 3.94 -13.80
N LEU A 1 1.88 0.51 -16.39
CA LEU A 1 0.49 0.59 -15.92
C LEU A 1 0.47 0.21 -14.43
N CYS A 2 -0.16 1.05 -13.60
CA CYS A 2 -0.11 0.98 -12.15
C CYS A 2 -0.57 -0.37 -11.61
N ASN A 3 0.39 -1.25 -11.34
CA ASN A 3 0.17 -2.56 -10.77
C ASN A 3 -0.11 -2.36 -9.29
N GLU A 4 -1.40 -2.13 -8.98
CA GLU A 4 -1.87 -2.01 -7.62
C GLU A 4 -1.87 -3.42 -7.02
N ARG A 5 -1.16 -3.59 -5.90
CA ARG A 5 -1.01 -4.84 -5.20
C ARG A 5 -1.25 -4.63 -3.71
N PRO A 6 -1.70 -5.68 -3.00
CA PRO A 6 -2.16 -5.51 -1.65
C PRO A 6 -0.99 -5.25 -0.71
N SER A 7 -1.26 -5.16 0.60
CA SER A 7 -0.23 -5.03 1.60
C SER A 7 0.82 -6.15 1.45
N GLN A 8 1.98 -5.81 0.89
CA GLN A 8 3.07 -6.74 0.64
C GLN A 8 3.85 -6.93 1.95
N THR A 9 4.39 -5.82 2.45
CA THR A 9 5.11 -5.68 3.69
C THR A 9 4.13 -5.65 4.85
N TRP A 10 3.18 -4.73 4.72
CA TRP A 10 2.43 -4.18 5.84
C TRP A 10 1.60 -5.25 6.56
N SER A 11 1.14 -6.26 5.81
CA SER A 11 0.50 -7.46 6.31
C SER A 11 -0.43 -7.26 7.51
N GLY A 12 -1.42 -6.38 7.35
CA GLY A 12 -2.37 -6.11 8.42
C GLY A 12 -3.34 -5.02 7.97
N ASN A 13 -4.00 -4.38 8.94
CA ASN A 13 -4.81 -3.20 8.71
C ASN A 13 -3.91 -1.97 8.75
N CYS A 14 -4.29 -0.94 7.99
CA CYS A 14 -3.63 0.35 7.90
C CYS A 14 -3.54 1.01 9.27
N GLY A 15 -2.55 1.89 9.41
CA GLY A 15 -2.37 2.79 10.54
C GLY A 15 -2.41 4.23 10.03
N ASN A 16 -1.60 4.52 9.02
CA ASN A 16 -1.59 5.79 8.30
C ASN A 16 -1.15 5.55 6.86
N THR A 17 -1.90 6.08 5.89
CA THR A 17 -1.57 6.02 4.48
C THR A 17 -0.20 6.63 4.21
N ALA A 18 0.14 7.71 4.94
CA ALA A 18 1.43 8.36 4.87
C ALA A 18 2.57 7.44 5.35
N HIS A 19 2.26 6.36 6.10
CA HIS A 19 3.20 5.31 6.42
C HIS A 19 3.12 4.22 5.34
N CYS A 20 1.90 3.80 4.96
CA CYS A 20 1.68 2.81 3.90
C CYS A 20 2.56 3.08 2.69
N ASP A 21 2.55 4.33 2.23
CA ASP A 21 3.31 4.73 1.06
C ASP A 21 4.80 4.53 1.30
N LYS A 22 5.29 4.79 2.52
CA LYS A 22 6.69 4.51 2.86
C LYS A 22 6.95 3.03 2.71
N GLN A 23 6.08 2.19 3.30
CA GLN A 23 6.29 0.74 3.21
C GLN A 23 5.93 0.14 1.84
N CYS A 24 6.15 0.90 0.76
CA CYS A 24 5.88 0.56 -0.62
C CYS A 24 6.96 1.22 -1.47
N GLN A 25 7.25 2.51 -1.27
CA GLN A 25 8.36 3.15 -1.94
C GLN A 25 9.70 2.78 -1.30
N ASP A 26 9.78 2.80 0.03
CA ASP A 26 11.04 2.63 0.74
C ASP A 26 11.38 1.16 0.87
N TRP A 27 10.45 0.40 1.45
CA TRP A 27 10.65 -1.00 1.81
C TRP A 27 10.63 -1.88 0.56
N GLU A 28 9.50 -1.86 -0.15
CA GLU A 28 9.36 -2.45 -1.48
C GLU A 28 10.08 -1.50 -2.45
N LYS A 29 9.56 -1.33 -3.67
CA LYS A 29 10.06 -0.43 -4.70
C LYS A 29 8.89 -0.27 -5.67
N ALA A 30 7.78 0.20 -5.10
CA ALA A 30 6.57 0.56 -5.79
C ALA A 30 6.63 2.05 -6.13
N SER A 31 5.85 2.47 -7.12
CA SER A 31 5.67 3.86 -7.47
C SER A 31 5.16 4.66 -6.27
N HIS A 32 4.14 4.14 -5.58
CA HIS A 32 3.67 4.68 -4.31
C HIS A 32 2.93 3.60 -3.53
N GLY A 33 2.43 3.97 -2.34
CA GLY A 33 1.39 3.22 -1.64
C GLY A 33 0.24 4.13 -1.23
N ALA A 34 -0.86 3.53 -0.77
CA ALA A 34 -2.04 4.22 -0.28
C ALA A 34 -2.96 3.21 0.41
N CYS A 35 -3.61 3.60 1.52
CA CYS A 35 -4.55 2.76 2.23
C CYS A 35 -5.94 2.79 1.58
N HIS A 36 -6.70 1.70 1.65
CA HIS A 36 -8.08 1.59 1.15
C HIS A 36 -8.90 0.68 2.04
N LYS A 37 -10.19 0.95 2.20
CA LYS A 37 -11.09 0.01 2.83
C LYS A 37 -11.56 -0.98 1.77
N ARG A 38 -11.32 -2.27 2.03
CA ARG A 38 -11.64 -3.39 1.16
C ARG A 38 -12.16 -4.49 2.08
N GLU A 39 -13.37 -5.00 1.83
CA GLU A 39 -13.99 -6.04 2.65
C GLU A 39 -14.02 -5.61 4.13
N ASN A 40 -14.26 -4.31 4.35
CA ASN A 40 -14.26 -3.63 5.64
C ASN A 40 -12.94 -3.70 6.39
N HIS A 41 -11.83 -3.95 5.69
CA HIS A 41 -10.48 -3.94 6.24
C HIS A 41 -9.72 -2.84 5.53
N TRP A 42 -9.16 -1.90 6.27
CA TRP A 42 -8.33 -0.86 5.67
C TRP A 42 -6.98 -1.47 5.31
N LYS A 43 -6.78 -1.84 4.04
CA LYS A 43 -5.53 -2.37 3.57
C LYS A 43 -4.65 -1.22 3.10
N CYS A 44 -3.42 -1.17 3.60
CA CYS A 44 -2.34 -0.55 2.85
C CYS A 44 -2.18 -1.32 1.53
N PHE A 45 -2.16 -0.59 0.40
CA PHE A 45 -1.86 -1.14 -0.91
C PHE A 45 -0.63 -0.40 -1.45
N CYS A 46 0.14 -1.10 -2.28
CA CYS A 46 1.28 -0.59 -3.01
C CYS A 46 0.92 -0.57 -4.48
N TYR A 47 1.62 0.24 -5.25
CA TYR A 47 1.34 0.48 -6.65
C TYR A 47 2.66 0.49 -7.39
N PHE A 48 2.97 -0.57 -8.12
CA PHE A 48 4.20 -0.65 -8.86
C PHE A 48 3.91 -0.24 -10.31
N ASN A 49 4.92 -0.30 -11.18
CA ASN A 49 4.76 -0.24 -12.63
C ASN A 49 3.96 0.98 -13.13
N CYS A 50 3.83 2.04 -12.34
CA CYS A 50 2.82 3.07 -12.58
C CYS A 50 3.35 4.17 -13.50
N LEU A 1 1.90 0.55 -16.19
CA LEU A 1 0.60 1.05 -15.70
C LEU A 1 0.54 0.82 -14.20
N CYS A 2 -0.16 1.68 -13.44
CA CYS A 2 -0.22 1.63 -11.99
C CYS A 2 -0.89 0.37 -11.47
N ASN A 3 -0.12 -0.72 -11.41
CA ASN A 3 -0.61 -2.02 -10.94
C ASN A 3 -0.77 -1.99 -9.43
N GLU A 4 -2.01 -1.85 -8.98
CA GLU A 4 -2.42 -1.85 -7.59
C GLU A 4 -2.35 -3.29 -7.10
N ARG A 5 -1.64 -3.52 -5.98
CA ARG A 5 -1.36 -4.84 -5.43
C ARG A 5 -1.40 -4.71 -3.89
N PRO A 6 -1.94 -5.69 -3.15
CA PRO A 6 -2.33 -5.52 -1.76
C PRO A 6 -1.16 -5.38 -0.77
N SER A 7 -1.53 -5.21 0.50
CA SER A 7 -0.61 -5.02 1.61
C SER A 7 0.28 -6.22 1.83
N GLN A 8 1.53 -6.09 1.40
CA GLN A 8 2.60 -7.03 1.61
C GLN A 8 3.35 -6.61 2.87
N THR A 9 4.36 -5.75 2.75
CA THR A 9 5.25 -5.38 3.84
C THR A 9 4.60 -4.45 4.86
N TRP A 10 3.41 -3.92 4.57
CA TRP A 10 2.63 -3.30 5.63
C TRP A 10 2.19 -4.36 6.65
N SER A 11 1.85 -5.56 6.15
CA SER A 11 1.60 -6.74 6.96
C SER A 11 0.57 -6.53 8.07
N GLY A 12 -0.63 -6.04 7.72
CA GLY A 12 -1.69 -5.87 8.69
C GLY A 12 -2.85 -5.04 8.15
N ASN A 13 -3.55 -4.36 9.06
CA ASN A 13 -4.58 -3.37 8.76
C ASN A 13 -3.93 -1.99 8.78
N CYS A 14 -4.46 -1.06 8.00
CA CYS A 14 -3.93 0.29 7.84
C CYS A 14 -4.72 1.27 8.73
N GLY A 15 -4.07 2.38 9.06
CA GLY A 15 -4.70 3.64 9.40
C GLY A 15 -3.98 4.75 8.66
N ASN A 16 -2.67 4.87 8.95
CA ASN A 16 -1.83 5.93 8.40
C ASN A 16 -1.47 5.71 6.93
N THR A 17 -2.38 6.09 6.02
CA THR A 17 -2.13 6.09 4.58
C THR A 17 -0.89 6.94 4.22
N ALA A 18 -0.64 8.02 4.95
CA ALA A 18 0.54 8.85 4.76
C ALA A 18 1.83 8.11 5.13
N HIS A 19 1.74 7.07 5.97
CA HIS A 19 2.83 6.10 6.09
C HIS A 19 2.77 5.15 4.90
N CYS A 20 1.60 4.55 4.61
CA CYS A 20 1.45 3.53 3.57
C CYS A 20 2.19 3.89 2.28
N ASP A 21 2.03 5.14 1.85
CA ASP A 21 2.64 5.57 0.61
C ASP A 21 4.14 5.45 0.71
N LYS A 22 4.72 5.82 1.86
CA LYS A 22 6.14 5.69 2.10
C LYS A 22 6.51 4.21 2.19
N GLN A 23 5.73 3.44 2.94
CA GLN A 23 6.05 2.08 3.38
C GLN A 23 6.36 1.23 2.14
N CYS A 24 5.50 1.35 1.13
CA CYS A 24 5.61 0.64 -0.16
C CYS A 24 6.85 1.05 -0.97
N GLN A 25 7.49 2.17 -0.64
CA GLN A 25 8.72 2.66 -1.24
C GLN A 25 9.93 2.31 -0.34
N ASP A 26 9.71 2.36 0.98
CA ASP A 26 10.72 2.17 2.02
C ASP A 26 11.12 0.70 2.07
N TRP A 27 10.13 -0.17 2.31
CA TRP A 27 10.36 -1.60 2.43
C TRP A 27 10.41 -2.16 1.02
N GLU A 28 9.24 -2.18 0.38
CA GLU A 28 9.08 -2.58 -1.01
C GLU A 28 9.64 -1.46 -1.88
N LYS A 29 9.32 -1.45 -3.17
CA LYS A 29 9.74 -0.49 -4.16
C LYS A 29 8.73 -0.63 -5.28
N ALA A 30 7.49 -0.40 -4.89
CA ALA A 30 6.43 -0.01 -5.79
C ALA A 30 6.65 1.45 -6.16
N SER A 31 5.94 1.97 -7.15
CA SER A 31 5.95 3.37 -7.48
C SER A 31 5.53 4.19 -6.25
N HIS A 32 4.50 3.73 -5.54
CA HIS A 32 4.12 4.28 -4.24
C HIS A 32 3.11 3.36 -3.56
N GLY A 33 2.46 3.84 -2.48
CA GLY A 33 1.37 3.19 -1.78
C GLY A 33 0.17 4.10 -1.55
N ALA A 34 -0.97 3.51 -1.17
CA ALA A 34 -2.18 4.22 -0.74
C ALA A 34 -3.14 3.20 -0.11
N CYS A 35 -3.75 3.54 1.04
CA CYS A 35 -4.65 2.63 1.73
C CYS A 35 -6.05 2.65 1.13
N HIS A 36 -6.78 1.54 1.25
CA HIS A 36 -8.22 1.49 0.97
C HIS A 36 -8.86 0.42 1.84
N LYS A 37 -10.15 0.56 2.07
CA LYS A 37 -10.94 -0.47 2.74
C LYS A 37 -11.35 -1.50 1.70
N ARG A 38 -11.02 -2.75 1.99
CA ARG A 38 -11.50 -3.93 1.29
C ARG A 38 -12.13 -4.81 2.38
N GLU A 39 -13.43 -5.13 2.26
CA GLU A 39 -14.12 -6.07 3.14
C GLU A 39 -13.82 -5.72 4.60
N ASN A 40 -14.29 -4.54 5.03
CA ASN A 40 -14.10 -3.94 6.35
C ASN A 40 -12.67 -3.45 6.59
N HIS A 41 -11.67 -4.08 5.99
CA HIS A 41 -10.28 -3.94 6.38
C HIS A 41 -9.57 -2.94 5.49
N TRP A 42 -9.09 -1.87 6.10
CA TRP A 42 -8.18 -0.94 5.49
C TRP A 42 -6.85 -1.64 5.24
N LYS A 43 -6.46 -1.83 3.98
CA LYS A 43 -5.18 -2.38 3.59
C LYS A 43 -4.40 -1.27 2.91
N CYS A 44 -3.12 -1.17 3.23
CA CYS A 44 -2.17 -0.39 2.46
C CYS A 44 -1.87 -1.10 1.16
N PHE A 45 -2.43 -0.62 0.04
CA PHE A 45 -2.09 -1.18 -1.25
C PHE A 45 -0.85 -0.46 -1.77
N CYS A 46 -0.01 -1.20 -2.49
CA CYS A 46 1.15 -0.70 -3.18
C CYS A 46 0.82 -0.67 -4.67
N TYR A 47 1.51 0.20 -5.41
CA TYR A 47 1.19 0.55 -6.78
C TYR A 47 2.46 0.45 -7.60
N PHE A 48 2.63 -0.59 -8.41
CA PHE A 48 3.85 -0.77 -9.16
C PHE A 48 3.68 -0.18 -10.56
N ASN A 49 4.74 -0.27 -11.36
CA ASN A 49 4.85 0.16 -12.76
C ASN A 49 4.05 1.42 -13.12
N CYS A 50 3.92 2.38 -12.20
CA CYS A 50 3.02 3.52 -12.38
C CYS A 50 3.73 4.68 -13.07
N LEU A 1 2.33 0.36 -16.05
CA LEU A 1 0.92 0.44 -15.61
C LEU A 1 0.82 0.35 -14.08
N CYS A 2 -0.07 1.14 -13.48
CA CYS A 2 -0.29 1.15 -12.05
C CYS A 2 -0.96 -0.13 -11.57
N ASN A 3 -0.17 -1.20 -11.43
CA ASN A 3 -0.66 -2.45 -10.85
C ASN A 3 -0.80 -2.18 -9.35
N GLU A 4 -2.01 -1.76 -8.97
CA GLU A 4 -2.39 -1.43 -7.63
C GLU A 4 -2.58 -2.72 -6.83
N ARG A 5 -1.48 -3.24 -6.30
CA ARG A 5 -1.44 -4.48 -5.56
C ARG A 5 -1.81 -4.22 -4.09
N PRO A 6 -2.53 -5.13 -3.43
CA PRO A 6 -2.78 -5.09 -2.00
C PRO A 6 -1.50 -5.04 -1.15
N SER A 7 -1.70 -4.87 0.16
CA SER A 7 -0.68 -4.89 1.20
C SER A 7 0.39 -5.95 0.99
N GLN A 8 1.66 -5.54 0.99
CA GLN A 8 2.83 -6.38 0.99
C GLN A 8 3.54 -6.27 2.34
N THR A 9 4.29 -5.18 2.54
CA THR A 9 5.12 -4.97 3.72
C THR A 9 4.39 -4.15 4.78
N TRP A 10 3.06 -4.09 4.73
CA TRP A 10 2.25 -3.40 5.72
C TRP A 10 1.70 -4.40 6.73
N SER A 11 1.46 -3.94 7.97
CA SER A 11 0.96 -4.74 9.08
C SER A 11 -0.53 -5.06 8.92
N GLY A 12 -0.89 -5.78 7.86
CA GLY A 12 -2.23 -6.30 7.69
C GLY A 12 -3.25 -5.23 7.33
N ASN A 13 -3.73 -4.58 8.37
CA ASN A 13 -4.75 -3.53 8.34
C ASN A 13 -4.10 -2.16 8.59
N CYS A 14 -4.61 -1.13 7.94
CA CYS A 14 -4.05 0.22 7.89
C CYS A 14 -4.92 1.22 8.63
N GLY A 15 -4.29 2.31 9.07
CA GLY A 15 -4.93 3.60 9.35
C GLY A 15 -4.10 4.70 8.71
N ASN A 16 -2.81 4.73 9.06
CA ASN A 16 -1.88 5.77 8.62
C ASN A 16 -1.47 5.62 7.15
N THR A 17 -2.36 6.01 6.23
CA THR A 17 -2.06 6.06 4.81
C THR A 17 -0.83 6.92 4.50
N ALA A 18 -0.61 7.98 5.30
CA ALA A 18 0.56 8.84 5.15
C ALA A 18 1.85 8.09 5.49
N HIS A 19 1.78 7.00 6.26
CA HIS A 19 2.88 6.05 6.34
C HIS A 19 2.84 5.13 5.12
N CYS A 20 1.69 4.50 4.84
CA CYS A 20 1.55 3.52 3.75
C CYS A 20 2.26 3.92 2.48
N ASP A 21 2.07 5.17 2.06
CA ASP A 21 2.66 5.62 0.81
C ASP A 21 4.18 5.57 0.92
N LYS A 22 4.73 6.01 2.05
CA LYS A 22 6.17 5.92 2.28
C LYS A 22 6.57 4.46 2.27
N GLN A 23 5.85 3.64 3.03
CA GLN A 23 6.24 2.30 3.44
C GLN A 23 6.46 1.47 2.16
N CYS A 24 5.51 1.55 1.23
CA CYS A 24 5.57 0.91 -0.08
C CYS A 24 6.84 1.28 -0.86
N GLN A 25 7.35 2.51 -0.68
CA GLN A 25 8.52 3.03 -1.39
C GLN A 25 9.81 2.69 -0.61
N ASP A 26 9.71 2.74 0.72
CA ASP A 26 10.81 2.56 1.65
C ASP A 26 11.25 1.11 1.65
N TRP A 27 10.31 0.20 1.91
CA TRP A 27 10.59 -1.22 2.01
C TRP A 27 10.61 -1.76 0.57
N GLU A 28 9.42 -1.84 -0.02
CA GLU A 28 9.22 -2.27 -1.40
C GLU A 28 9.69 -1.13 -2.32
N LYS A 29 9.31 -1.17 -3.59
CA LYS A 29 9.66 -0.20 -4.60
C LYS A 29 8.64 -0.38 -5.73
N ALA A 30 7.38 -0.30 -5.29
CA ALA A 30 6.29 0.18 -6.10
C ALA A 30 6.50 1.69 -6.31
N SER A 31 5.83 2.30 -7.29
CA SER A 31 5.91 3.72 -7.50
C SER A 31 5.51 4.48 -6.22
N HIS A 32 4.43 4.06 -5.57
CA HIS A 32 3.93 4.71 -4.36
C HIS A 32 2.96 3.78 -3.63
N GLY A 33 2.34 4.26 -2.54
CA GLY A 33 1.29 3.55 -1.81
C GLY A 33 0.10 4.43 -1.43
N ALA A 34 -1.02 3.81 -1.03
CA ALA A 34 -2.21 4.49 -0.55
C ALA A 34 -3.18 3.44 0.04
N CYS A 35 -3.78 3.71 1.20
CA CYS A 35 -4.64 2.74 1.85
C CYS A 35 -6.07 2.79 1.28
N HIS A 36 -6.76 1.64 1.24
CA HIS A 36 -8.17 1.57 0.87
C HIS A 36 -8.88 0.50 1.69
N LYS A 37 -10.15 0.75 2.02
CA LYS A 37 -10.99 -0.22 2.71
C LYS A 37 -11.60 -1.18 1.70
N ARG A 38 -11.35 -2.47 1.91
CA ARG A 38 -11.77 -3.57 1.07
C ARG A 38 -12.17 -4.71 2.00
N GLU A 39 -13.39 -5.24 1.87
CA GLU A 39 -13.96 -6.20 2.81
C GLU A 39 -13.77 -5.72 4.26
N ASN A 40 -14.14 -4.46 4.50
CA ASN A 40 -14.00 -3.72 5.74
C ASN A 40 -12.55 -3.45 6.17
N HIS A 41 -11.55 -4.01 5.47
CA HIS A 41 -10.16 -3.95 5.85
C HIS A 41 -9.45 -2.90 5.05
N TRP A 42 -8.95 -1.87 5.74
CA TRP A 42 -8.04 -0.90 5.17
C TRP A 42 -6.73 -1.60 4.85
N LYS A 43 -6.49 -1.92 3.57
CA LYS A 43 -5.21 -2.46 3.13
C LYS A 43 -4.39 -1.27 2.66
N CYS A 44 -3.09 -1.28 2.95
CA CYS A 44 -2.15 -0.38 2.30
C CYS A 44 -1.84 -0.91 0.92
N PHE A 45 -2.45 -0.35 -0.13
CA PHE A 45 -2.19 -0.81 -1.48
C PHE A 45 -0.94 -0.10 -1.99
N CYS A 46 -0.13 -0.81 -2.76
CA CYS A 46 1.08 -0.31 -3.40
C CYS A 46 0.87 -0.37 -4.90
N TYR A 47 1.37 0.65 -5.58
CA TYR A 47 1.04 0.96 -6.96
C TYR A 47 2.32 0.73 -7.76
N PHE A 48 2.43 -0.39 -8.48
CA PHE A 48 3.75 -0.92 -8.79
C PHE A 48 4.44 -0.17 -9.93
N ASN A 49 4.26 -0.58 -11.19
CA ASN A 49 4.95 0.03 -12.32
C ASN A 49 4.11 1.19 -12.85
N CYS A 50 3.68 2.06 -11.92
CA CYS A 50 2.80 3.18 -12.20
C CYS A 50 3.58 4.33 -12.85
N LEU A 1 1.05 0.47 -16.01
CA LEU A 1 -0.16 1.05 -15.40
C LEU A 1 -0.15 0.74 -13.90
N CYS A 2 -0.73 1.61 -13.07
CA CYS A 2 -0.64 1.58 -11.62
C CYS A 2 -1.18 0.28 -11.02
N ASN A 3 -0.32 -0.74 -11.01
CA ASN A 3 -0.63 -2.10 -10.65
C ASN A 3 -0.66 -2.16 -9.12
N GLU A 4 -1.86 -2.01 -8.56
CA GLU A 4 -2.10 -2.00 -7.14
C GLU A 4 -1.98 -3.45 -6.67
N ARG A 5 -0.90 -3.77 -5.94
CA ARG A 5 -0.64 -5.08 -5.38
C ARG A 5 -0.63 -4.98 -3.85
N PRO A 6 -0.90 -6.11 -3.17
CA PRO A 6 -1.44 -6.08 -1.83
C PRO A 6 -0.40 -5.66 -0.78
N SER A 7 -0.87 -5.52 0.46
CA SER A 7 0.01 -5.40 1.61
C SER A 7 0.84 -6.67 1.73
N GLN A 8 2.11 -6.62 1.33
CA GLN A 8 3.05 -7.72 1.49
C GLN A 8 3.67 -7.63 2.87
N THR A 9 4.28 -6.48 3.18
CA THR A 9 4.91 -6.24 4.47
C THR A 9 3.84 -6.01 5.52
N TRP A 10 2.98 -5.03 5.22
CA TRP A 10 2.01 -4.44 6.12
C TRP A 10 0.95 -5.47 6.54
N SER A 11 1.32 -6.39 7.43
CA SER A 11 0.50 -7.52 7.77
C SER A 11 -0.51 -7.15 8.84
N GLY A 12 -1.40 -6.20 8.52
CA GLY A 12 -2.44 -5.74 9.42
C GLY A 12 -3.40 -4.82 8.69
N ASN A 13 -4.26 -4.14 9.48
CA ASN A 13 -5.15 -3.10 8.98
C ASN A 13 -4.33 -1.84 8.77
N CYS A 14 -4.83 -0.90 7.96
CA CYS A 14 -4.17 0.33 7.58
C CYS A 14 -4.89 1.51 8.22
N GLY A 15 -4.23 2.66 8.24
CA GLY A 15 -4.75 3.92 8.73
C GLY A 15 -3.76 5.01 8.36
N ASN A 16 -2.51 4.81 8.78
CA ASN A 16 -1.40 5.71 8.47
C ASN A 16 -0.96 5.54 7.01
N THR A 17 -1.80 5.99 6.09
CA THR A 17 -1.51 5.97 4.66
C THR A 17 -0.21 6.73 4.36
N ALA A 18 0.07 7.77 5.14
CA ALA A 18 1.29 8.55 5.06
C ALA A 18 2.53 7.70 5.39
N HIS A 19 2.40 6.64 6.19
CA HIS A 19 3.45 5.62 6.29
C HIS A 19 3.34 4.69 5.10
N CYS A 20 2.14 4.16 4.81
CA CYS A 20 1.93 3.17 3.75
C CYS A 20 2.67 3.53 2.46
N ASP A 21 2.60 4.79 2.06
CA ASP A 21 3.27 5.21 0.84
C ASP A 21 4.79 5.00 0.98
N LYS A 22 5.37 5.48 2.10
CA LYS A 22 6.81 5.35 2.33
C LYS A 22 7.18 3.88 2.32
N GLN A 23 6.45 3.11 3.12
CA GLN A 23 6.62 1.69 3.36
C GLN A 23 6.73 1.02 1.97
N CYS A 24 5.73 1.25 1.12
CA CYS A 24 5.66 0.68 -0.21
C CYS A 24 6.83 1.06 -1.11
N GLN A 25 7.40 2.25 -0.95
CA GLN A 25 8.53 2.71 -1.75
C GLN A 25 9.85 2.18 -1.20
N ASP A 26 9.97 2.14 0.13
CA ASP A 26 11.18 1.84 0.87
C ASP A 26 11.36 0.33 1.07
N TRP A 27 10.39 -0.29 1.75
CA TRP A 27 10.46 -1.68 2.18
C TRP A 27 10.26 -2.56 0.95
N GLU A 28 9.09 -2.41 0.35
CA GLU A 28 8.82 -2.83 -1.02
C GLU A 28 9.50 -1.79 -1.92
N LYS A 29 9.09 -1.67 -3.18
CA LYS A 29 9.67 -0.79 -4.18
C LYS A 29 8.62 -0.64 -5.27
N ALA A 30 7.54 0.03 -4.89
CA ALA A 30 6.46 0.44 -5.76
C ALA A 30 6.63 1.92 -6.12
N SER A 31 5.81 2.44 -7.04
CA SER A 31 5.80 3.86 -7.36
C SER A 31 5.51 4.69 -6.11
N HIS A 32 4.53 4.24 -5.33
CA HIS A 32 3.97 4.94 -4.19
C HIS A 32 2.89 4.01 -3.63
N GLY A 33 2.31 4.35 -2.48
CA GLY A 33 1.39 3.47 -1.76
C GLY A 33 0.29 4.22 -1.03
N ALA A 34 -0.78 3.50 -0.65
CA ALA A 34 -1.84 4.07 0.18
C ALA A 34 -2.71 2.98 0.79
N CYS A 35 -3.55 3.35 1.77
CA CYS A 35 -4.57 2.48 2.36
C CYS A 35 -5.74 2.32 1.39
N HIS A 36 -6.44 1.17 1.38
CA HIS A 36 -7.71 0.97 0.67
C HIS A 36 -8.52 -0.09 1.39
N LYS A 37 -9.85 0.05 1.43
CA LYS A 37 -10.69 -0.91 2.13
C LYS A 37 -10.97 -2.12 1.24
N ARG A 38 -10.75 -3.31 1.82
CA ARG A 38 -10.93 -4.61 1.23
C ARG A 38 -11.51 -5.51 2.34
N GLU A 39 -12.62 -6.20 2.10
CA GLU A 39 -13.28 -7.05 3.09
C GLU A 39 -13.37 -6.35 4.45
N ASN A 40 -13.91 -5.12 4.41
CA ASN A 40 -14.07 -4.17 5.51
C ASN A 40 -12.76 -3.61 6.06
N HIS A 41 -11.60 -4.22 5.76
CA HIS A 41 -10.32 -3.88 6.34
C HIS A 41 -9.54 -2.98 5.41
N TRP A 42 -9.08 -1.86 5.93
CA TRP A 42 -8.17 -1.00 5.20
C TRP A 42 -6.82 -1.68 5.14
N LYS A 43 -6.24 -1.87 3.94
CA LYS A 43 -4.94 -2.45 3.73
C LYS A 43 -4.08 -1.46 2.95
N CYS A 44 -2.80 -1.40 3.32
CA CYS A 44 -1.79 -0.67 2.57
C CYS A 44 -1.47 -1.45 1.30
N PHE A 45 -2.06 -1.11 0.15
CA PHE A 45 -1.70 -1.75 -1.11
C PHE A 45 -0.87 -0.74 -1.90
N CYS A 46 0.16 -1.24 -2.58
CA CYS A 46 1.21 -0.47 -3.22
C CYS A 46 0.98 -0.46 -4.72
N TYR A 47 1.27 0.67 -5.37
CA TYR A 47 1.07 0.83 -6.81
C TYR A 47 2.41 0.64 -7.51
N PHE A 48 2.63 -0.48 -8.16
CA PHE A 48 3.96 -0.79 -8.63
C PHE A 48 4.21 -0.11 -9.95
N ASN A 49 3.55 -0.59 -11.01
CA ASN A 49 3.88 -0.33 -12.40
C ASN A 49 3.27 0.99 -12.87
N CYS A 50 3.19 1.97 -11.97
CA CYS A 50 2.53 3.27 -12.18
C CYS A 50 3.48 4.24 -12.85
N LEU A 1 2.25 2.28 -15.49
CA LEU A 1 1.05 1.52 -15.09
C LEU A 1 1.12 1.16 -13.61
N CYS A 2 0.28 1.78 -12.79
CA CYS A 2 0.29 1.72 -11.34
C CYS A 2 -0.31 0.38 -10.86
N ASN A 3 0.49 -0.68 -10.80
CA ASN A 3 -0.05 -2.05 -10.94
C ASN A 3 -0.80 -2.60 -9.73
N GLU A 4 -1.16 -1.75 -8.75
CA GLU A 4 -2.12 -2.00 -7.71
C GLU A 4 -2.06 -3.42 -7.14
N ARG A 5 -1.27 -3.60 -6.09
CA ARG A 5 -0.99 -4.87 -5.43
C ARG A 5 -1.28 -4.68 -3.93
N PRO A 6 -1.61 -5.73 -3.20
CA PRO A 6 -2.15 -5.59 -1.86
C PRO A 6 -1.07 -5.26 -0.84
N SER A 7 -1.47 -5.13 0.43
CA SER A 7 -0.57 -4.93 1.53
C SER A 7 0.34 -6.13 1.73
N GLN A 8 1.58 -5.98 1.30
CA GLN A 8 2.67 -6.92 1.46
C GLN A 8 3.39 -6.57 2.76
N THR A 9 4.43 -5.74 2.69
CA THR A 9 5.30 -5.42 3.82
C THR A 9 4.64 -4.49 4.83
N TRP A 10 3.47 -3.92 4.52
CA TRP A 10 2.68 -3.28 5.57
C TRP A 10 2.19 -4.36 6.56
N SER A 11 1.82 -5.53 6.04
CA SER A 11 1.53 -6.72 6.83
C SER A 11 0.50 -6.50 7.94
N GLY A 12 -0.68 -5.97 7.60
CA GLY A 12 -1.74 -5.78 8.59
C GLY A 12 -2.88 -4.92 8.03
N ASN A 13 -3.54 -4.19 8.94
CA ASN A 13 -4.51 -3.16 8.61
C ASN A 13 -3.79 -1.82 8.62
N CYS A 14 -4.21 -0.90 7.75
CA CYS A 14 -3.68 0.45 7.63
C CYS A 14 -3.74 1.19 8.97
N GLY A 15 -2.86 2.18 9.13
CA GLY A 15 -2.82 3.10 10.26
C GLY A 15 -2.91 4.53 9.75
N ASN A 16 -2.02 4.87 8.82
CA ASN A 16 -2.02 6.15 8.11
C ASN A 16 -1.56 5.96 6.67
N THR A 17 -2.39 6.36 5.71
CA THR A 17 -2.05 6.24 4.30
C THR A 17 -0.78 7.04 3.97
N ALA A 18 -0.52 8.12 4.70
CA ALA A 18 0.70 8.89 4.55
C ALA A 18 1.94 8.09 4.93
N HIS A 19 1.80 7.09 5.81
CA HIS A 19 2.86 6.11 5.99
C HIS A 19 2.78 5.08 4.85
N CYS A 20 1.60 4.52 4.59
CA CYS A 20 1.41 3.47 3.56
C CYS A 20 2.16 3.80 2.28
N ASP A 21 2.06 5.06 1.87
CA ASP A 21 2.64 5.51 0.62
C ASP A 21 4.15 5.29 0.67
N LYS A 22 4.76 5.62 1.81
CA LYS A 22 6.20 5.50 1.99
C LYS A 22 6.57 4.04 2.17
N GLN A 23 5.81 3.31 2.99
CA GLN A 23 6.10 1.97 3.43
C GLN A 23 6.33 1.12 2.17
N CYS A 24 5.40 1.23 1.21
CA CYS A 24 5.45 0.54 -0.07
C CYS A 24 6.72 0.89 -0.88
N GLN A 25 7.20 2.14 -0.80
CA GLN A 25 8.40 2.55 -1.51
C GLN A 25 9.61 1.94 -0.79
N ASP A 26 9.74 2.31 0.49
CA ASP A 26 10.85 1.96 1.37
C ASP A 26 11.05 0.45 1.40
N TRP A 27 10.04 -0.28 1.85
CA TRP A 27 10.18 -1.71 2.09
C TRP A 27 10.14 -2.41 0.72
N GLU A 28 9.01 -2.32 0.02
CA GLU A 28 8.74 -3.19 -1.11
C GLU A 28 9.62 -2.75 -2.28
N LYS A 29 9.32 -1.60 -2.89
CA LYS A 29 9.94 -0.91 -4.00
C LYS A 29 8.80 -0.48 -4.95
N ALA A 30 7.72 0.07 -4.40
CA ALA A 30 6.62 0.56 -5.20
C ALA A 30 6.93 1.97 -5.70
N SER A 31 6.19 2.43 -6.70
CA SER A 31 6.12 3.84 -7.03
C SER A 31 5.49 4.59 -5.86
N HIS A 32 4.42 4.05 -5.30
CA HIS A 32 3.83 4.54 -4.06
C HIS A 32 2.94 3.48 -3.43
N GLY A 33 2.25 3.90 -2.36
CA GLY A 33 1.18 3.17 -1.71
C GLY A 33 -0.03 4.06 -1.45
N ALA A 34 -1.17 3.45 -1.10
CA ALA A 34 -2.41 4.13 -0.76
C ALA A 34 -3.35 3.13 -0.07
N CYS A 35 -3.95 3.51 1.07
CA CYS A 35 -4.82 2.63 1.84
C CYS A 35 -6.24 2.56 1.25
N HIS A 36 -6.88 1.39 1.31
CA HIS A 36 -8.29 1.23 0.91
C HIS A 36 -8.99 0.20 1.79
N LYS A 37 -10.28 0.40 2.04
CA LYS A 37 -11.09 -0.57 2.78
C LYS A 37 -11.59 -1.64 1.82
N ARG A 38 -11.25 -2.89 2.15
CA ARG A 38 -11.72 -4.12 1.51
C ARG A 38 -12.27 -5.02 2.62
N GLU A 39 -13.52 -5.47 2.51
CA GLU A 39 -14.14 -6.36 3.49
C GLU A 39 -13.93 -5.82 4.92
N ASN A 40 -14.18 -4.53 5.10
CA ASN A 40 -14.00 -3.75 6.31
C ASN A 40 -12.54 -3.51 6.71
N HIS A 41 -11.58 -4.24 6.13
CA HIS A 41 -10.16 -4.16 6.46
C HIS A 41 -9.50 -3.11 5.56
N TRP A 42 -8.94 -2.07 6.16
CA TRP A 42 -8.15 -1.10 5.42
C TRP A 42 -6.80 -1.70 5.10
N LYS A 43 -6.52 -1.99 3.83
CA LYS A 43 -5.24 -2.50 3.39
C LYS A 43 -4.47 -1.37 2.75
N CYS A 44 -3.21 -1.23 3.15
CA CYS A 44 -2.24 -0.41 2.44
C CYS A 44 -1.90 -1.09 1.11
N PHE A 45 -2.46 -0.64 0.00
CA PHE A 45 -2.10 -1.20 -1.30
C PHE A 45 -0.86 -0.47 -1.79
N CYS A 46 -0.03 -1.17 -2.54
CA CYS A 46 1.19 -0.69 -3.17
C CYS A 46 0.99 -0.67 -4.68
N TYR A 47 1.77 0.15 -5.37
CA TYR A 47 1.60 0.43 -6.78
C TYR A 47 2.98 0.51 -7.41
N PHE A 48 3.40 -0.51 -8.15
CA PHE A 48 4.67 -0.48 -8.84
C PHE A 48 4.50 0.24 -10.19
N ASN A 49 5.60 0.32 -10.95
CA ASN A 49 5.74 0.77 -12.34
C ASN A 49 4.79 1.90 -12.74
N CYS A 50 4.48 2.84 -11.83
CA CYS A 50 3.30 3.70 -12.01
C CYS A 50 3.49 4.76 -13.08
N LEU A 1 2.52 0.86 -16.00
CA LEU A 1 1.11 1.03 -15.59
C LEU A 1 0.98 0.91 -14.07
N CYS A 2 0.08 1.70 -13.47
CA CYS A 2 -0.16 1.73 -12.04
C CYS A 2 -0.87 0.46 -11.55
N ASN A 3 -0.14 -0.66 -11.50
CA ASN A 3 -0.70 -1.91 -11.02
C ASN A 3 -0.86 -1.80 -9.50
N GLU A 4 -2.12 -1.79 -9.05
CA GLU A 4 -2.50 -1.75 -7.65
C GLU A 4 -2.27 -3.15 -7.07
N ARG A 5 -1.56 -3.24 -5.94
CA ARG A 5 -1.32 -4.50 -5.23
C ARG A 5 -1.20 -4.24 -3.74
N PRO A 6 -1.58 -5.20 -2.87
CA PRO A 6 -1.90 -4.89 -1.49
C PRO A 6 -0.67 -4.79 -0.60
N SER A 7 -0.93 -4.41 0.65
CA SER A 7 -0.08 -4.61 1.81
C SER A 7 0.44 -6.05 1.86
N GLN A 8 1.73 -6.25 1.57
CA GLN A 8 2.46 -7.47 1.84
C GLN A 8 3.35 -7.25 3.07
N THR A 9 4.02 -6.11 3.11
CA THR A 9 4.91 -5.74 4.22
C THR A 9 4.05 -5.35 5.42
N TRP A 10 3.15 -4.40 5.19
CA TRP A 10 2.25 -3.83 6.17
C TRP A 10 1.28 -4.92 6.65
N SER A 11 1.74 -5.78 7.54
CA SER A 11 1.02 -6.98 7.92
C SER A 11 -0.05 -6.65 8.96
N GLY A 12 -1.05 -5.86 8.56
CA GLY A 12 -2.12 -5.46 9.44
C GLY A 12 -3.12 -4.54 8.73
N ASN A 13 -3.90 -3.82 9.53
CA ASN A 13 -4.87 -2.83 9.09
C ASN A 13 -4.17 -1.46 8.98
N CYS A 14 -4.74 -0.51 8.24
CA CYS A 14 -4.17 0.82 8.04
C CYS A 14 -5.04 1.92 8.64
N GLY A 15 -4.38 2.96 9.14
CA GLY A 15 -4.92 4.31 9.29
C GLY A 15 -4.02 5.29 8.55
N ASN A 16 -2.72 5.25 8.87
CA ASN A 16 -1.73 6.20 8.40
C ASN A 16 -1.35 6.00 6.92
N THR A 17 -2.24 6.39 6.02
CA THR A 17 -1.95 6.39 4.58
C THR A 17 -0.69 7.19 4.24
N ALA A 18 -0.40 8.25 5.02
CA ALA A 18 0.81 9.05 4.84
C ALA A 18 2.07 8.24 5.15
N HIS A 19 1.99 7.18 5.96
CA HIS A 19 3.04 6.18 6.05
C HIS A 19 2.93 5.23 4.86
N CYS A 20 1.75 4.68 4.58
CA CYS A 20 1.54 3.72 3.48
C CYS A 20 2.25 4.15 2.20
N ASP A 21 2.09 5.42 1.84
CA ASP A 21 2.70 5.91 0.62
C ASP A 21 4.24 5.82 0.69
N LYS A 22 4.83 6.11 1.84
CA LYS A 22 6.27 5.96 2.02
C LYS A 22 6.61 4.48 1.91
N GLN A 23 5.95 3.68 2.75
CA GLN A 23 6.15 2.26 2.96
C GLN A 23 6.24 1.56 1.60
N CYS A 24 5.27 1.80 0.74
CA CYS A 24 5.21 1.19 -0.59
C CYS A 24 6.47 1.47 -1.42
N GLN A 25 7.04 2.67 -1.28
CA GLN A 25 8.24 3.07 -1.99
C GLN A 25 9.45 2.45 -1.28
N ASP A 26 9.66 2.85 -0.01
CA ASP A 26 10.80 2.50 0.81
C ASP A 26 10.93 0.99 0.93
N TRP A 27 9.86 0.34 1.39
CA TRP A 27 9.87 -1.08 1.65
C TRP A 27 9.52 -1.78 0.35
N GLU A 28 8.24 -1.71 -0.06
CA GLU A 28 7.63 -2.85 -0.74
C GLU A 28 8.16 -2.96 -2.18
N LYS A 29 8.09 -1.88 -2.96
CA LYS A 29 8.86 -1.52 -4.14
C LYS A 29 7.89 -1.04 -5.22
N ALA A 30 7.26 0.12 -4.99
CA ALA A 30 6.25 0.66 -5.88
C ALA A 30 6.46 2.14 -6.11
N SER A 31 5.83 2.71 -7.14
CA SER A 31 5.88 4.12 -7.42
C SER A 31 5.39 4.93 -6.21
N HIS A 32 4.30 4.46 -5.58
CA HIS A 32 3.73 5.13 -4.43
C HIS A 32 2.77 4.16 -3.72
N GLY A 33 2.13 4.63 -2.64
CA GLY A 33 1.12 3.88 -1.90
C GLY A 33 -0.08 4.73 -1.51
N ALA A 34 -1.15 4.08 -1.05
CA ALA A 34 -2.39 4.70 -0.62
C ALA A 34 -3.26 3.63 0.04
N CYS A 35 -3.87 3.94 1.20
CA CYS A 35 -4.71 2.99 1.91
C CYS A 35 -6.14 3.00 1.38
N HIS A 36 -6.85 1.88 1.53
CA HIS A 36 -8.29 1.82 1.26
C HIS A 36 -8.90 0.74 2.13
N LYS A 37 -10.21 0.85 2.39
CA LYS A 37 -10.98 -0.22 2.97
C LYS A 37 -11.39 -1.15 1.82
N ARG A 38 -10.98 -2.41 1.96
CA ARG A 38 -11.12 -3.46 0.97
C ARG A 38 -11.46 -4.72 1.77
N GLU A 39 -12.55 -5.41 1.41
CA GLU A 39 -13.08 -6.52 2.19
C GLU A 39 -13.27 -6.14 3.66
N ASN A 40 -13.69 -4.90 3.92
CA ASN A 40 -13.87 -4.29 5.23
C ASN A 40 -12.59 -4.22 6.06
N HIS A 41 -11.42 -4.31 5.42
CA HIS A 41 -10.13 -4.19 6.07
C HIS A 41 -9.41 -3.02 5.41
N TRP A 42 -8.89 -2.08 6.21
CA TRP A 42 -8.10 -0.99 5.67
C TRP A 42 -6.73 -1.52 5.30
N LYS A 43 -6.50 -1.79 4.02
CA LYS A 43 -5.21 -2.22 3.53
C LYS A 43 -4.50 -1.00 2.99
N CYS A 44 -3.24 -0.83 3.38
CA CYS A 44 -2.29 -0.11 2.57
C CYS A 44 -2.18 -0.84 1.23
N PHE A 45 -2.25 -0.10 0.13
CA PHE A 45 -2.03 -0.63 -1.20
C PHE A 45 -0.92 0.18 -1.85
N CYS A 46 -0.19 -0.48 -2.75
CA CYS A 46 0.98 0.02 -3.43
C CYS A 46 0.71 -0.05 -4.92
N TYR A 47 1.32 0.86 -5.65
CA TYR A 47 1.02 1.15 -7.04
C TYR A 47 2.33 1.02 -7.81
N PHE A 48 2.52 -0.08 -8.52
CA PHE A 48 3.86 -0.59 -8.75
C PHE A 48 4.59 0.17 -9.85
N ASN A 49 4.41 -0.22 -11.11
CA ASN A 49 5.10 0.40 -12.24
C ASN A 49 4.28 1.58 -12.76
N CYS A 50 3.81 2.44 -11.85
CA CYS A 50 3.00 3.59 -12.18
C CYS A 50 3.85 4.68 -12.84
N LEU A 1 2.04 0.49 -16.45
CA LEU A 1 0.81 1.10 -15.93
C LEU A 1 0.65 0.70 -14.47
N CYS A 2 -0.05 1.52 -13.67
CA CYS A 2 -0.05 1.43 -12.22
C CYS A 2 -0.61 0.09 -11.71
N ASN A 3 0.29 -0.85 -11.46
CA ASN A 3 -0.01 -2.18 -10.95
C ASN A 3 -0.33 -2.01 -9.46
N GLU A 4 -1.58 -1.68 -9.18
CA GLU A 4 -2.12 -1.57 -7.84
C GLU A 4 -2.30 -2.99 -7.31
N ARG A 5 -1.84 -3.24 -6.09
CA ARG A 5 -1.91 -4.53 -5.43
C ARG A 5 -2.00 -4.30 -3.92
N PRO A 6 -2.61 -5.22 -3.15
CA PRO A 6 -2.83 -5.06 -1.73
C PRO A 6 -1.53 -5.13 -0.92
N SER A 7 -1.66 -4.94 0.40
CA SER A 7 -0.60 -5.01 1.40
C SER A 7 0.45 -6.07 1.09
N GLN A 8 1.63 -5.59 0.66
CA GLN A 8 2.79 -6.42 0.38
C GLN A 8 3.50 -6.69 1.71
N THR A 9 4.19 -5.68 2.25
CA THR A 9 4.91 -5.76 3.50
C THR A 9 3.99 -5.43 4.67
N TRP A 10 3.02 -4.52 4.46
CA TRP A 10 2.24 -3.96 5.53
C TRP A 10 1.45 -5.09 6.20
N SER A 11 1.88 -5.50 7.39
CA SER A 11 1.55 -6.80 7.94
C SER A 11 0.18 -6.82 8.63
N GLY A 12 -0.89 -6.49 7.90
CA GLY A 12 -2.25 -6.58 8.39
C GLY A 12 -3.11 -5.43 7.88
N ASN A 13 -3.62 -4.64 8.80
CA ASN A 13 -4.55 -3.54 8.56
C ASN A 13 -3.80 -2.21 8.59
N CYS A 14 -4.18 -1.28 7.73
CA CYS A 14 -3.56 0.03 7.61
C CYS A 14 -3.96 0.90 8.79
N GLY A 15 -3.04 1.80 9.18
CA GLY A 15 -3.21 2.78 10.23
C GLY A 15 -3.26 4.20 9.67
N ASN A 16 -2.39 4.49 8.68
CA ASN A 16 -2.31 5.80 8.06
C ASN A 16 -1.71 5.70 6.65
N THR A 17 -2.44 6.21 5.66
CA THR A 17 -1.99 6.24 4.27
C THR A 17 -0.69 7.05 4.13
N ALA A 18 -0.53 8.07 4.98
CA ALA A 18 0.69 8.88 5.04
C ALA A 18 1.90 8.04 5.45
N HIS A 19 1.71 6.90 6.13
CA HIS A 19 2.78 5.92 6.24
C HIS A 19 2.78 5.05 4.98
N CYS A 20 1.62 4.48 4.61
CA CYS A 20 1.52 3.51 3.51
C CYS A 20 2.32 3.91 2.27
N ASP A 21 2.16 5.17 1.87
CA ASP A 21 2.82 5.65 0.67
C ASP A 21 4.34 5.57 0.85
N LYS A 22 4.83 5.91 2.05
CA LYS A 22 6.25 5.76 2.36
C LYS A 22 6.61 4.27 2.34
N GLN A 23 5.89 3.47 3.13
CA GLN A 23 6.13 2.06 3.41
C GLN A 23 6.45 1.31 2.12
N CYS A 24 5.56 1.43 1.13
CA CYS A 24 5.67 0.73 -0.16
C CYS A 24 6.92 1.12 -0.96
N GLN A 25 7.49 2.30 -0.68
CA GLN A 25 8.71 2.79 -1.31
C GLN A 25 9.93 2.46 -0.44
N ASP A 26 9.75 2.52 0.89
CA ASP A 26 10.81 2.35 1.89
C ASP A 26 11.24 0.90 1.92
N TRP A 27 10.29 0.01 2.19
CA TRP A 27 10.56 -1.41 2.35
C TRP A 27 10.68 -2.01 0.95
N GLU A 28 9.51 -2.19 0.32
CA GLU A 28 9.39 -2.63 -1.06
C GLU A 28 9.79 -1.44 -1.94
N LYS A 29 9.41 -1.45 -3.21
CA LYS A 29 9.95 -0.57 -4.22
C LYS A 29 8.90 -0.58 -5.32
N ALA A 30 7.67 -0.27 -4.87
CA ALA A 30 6.57 0.12 -5.70
C ALA A 30 6.81 1.57 -6.15
N SER A 31 6.08 2.04 -7.16
CA SER A 31 6.03 3.43 -7.51
C SER A 31 5.57 4.25 -6.30
N HIS A 32 4.52 3.79 -5.60
CA HIS A 32 4.11 4.40 -4.33
C HIS A 32 3.12 3.49 -3.58
N GLY A 33 2.46 4.03 -2.55
CA GLY A 33 1.42 3.36 -1.77
C GLY A 33 0.21 4.26 -1.51
N ALA A 34 -0.93 3.67 -1.16
CA ALA A 34 -2.15 4.36 -0.72
C ALA A 34 -3.09 3.36 -0.04
N CYS A 35 -3.72 3.70 1.09
CA CYS A 35 -4.58 2.77 1.82
C CYS A 35 -5.99 2.73 1.23
N HIS A 36 -6.67 1.57 1.28
CA HIS A 36 -8.08 1.45 0.92
C HIS A 36 -8.78 0.42 1.80
N LYS A 37 -10.07 0.64 2.10
CA LYS A 37 -10.88 -0.32 2.82
C LYS A 37 -11.45 -1.35 1.85
N ARG A 38 -11.22 -2.62 2.16
CA ARG A 38 -11.63 -3.78 1.38
C ARG A 38 -12.01 -4.87 2.39
N GLU A 39 -13.22 -5.43 2.29
CA GLU A 39 -13.78 -6.35 3.28
C GLU A 39 -13.60 -5.80 4.70
N ASN A 40 -14.04 -4.55 4.89
CA ASN A 40 -13.91 -3.74 6.08
C ASN A 40 -12.47 -3.38 6.48
N HIS A 41 -11.47 -3.99 5.84
CA HIS A 41 -10.08 -3.85 6.22
C HIS A 41 -9.41 -2.82 5.33
N TRP A 42 -9.01 -1.70 5.95
CA TRP A 42 -8.03 -0.83 5.35
C TRP A 42 -6.77 -1.63 5.13
N LYS A 43 -6.38 -1.84 3.87
CA LYS A 43 -5.08 -2.38 3.50
C LYS A 43 -4.28 -1.22 2.96
N CYS A 44 -2.98 -1.19 3.22
CA CYS A 44 -2.07 -0.34 2.48
C CYS A 44 -1.83 -0.98 1.12
N PHE A 45 -2.42 -0.43 0.05
CA PHE A 45 -2.16 -0.95 -1.28
C PHE A 45 -0.89 -0.28 -1.79
N CYS A 46 -0.09 -1.05 -2.52
CA CYS A 46 1.12 -0.59 -3.17
C CYS A 46 0.86 -0.60 -4.67
N TYR A 47 1.57 0.29 -5.37
CA TYR A 47 1.32 0.63 -6.76
C TYR A 47 2.65 0.52 -7.47
N PHE A 48 2.87 -0.52 -8.24
CA PHE A 48 4.09 -0.71 -8.98
C PHE A 48 3.85 -0.19 -10.40
N ASN A 49 4.87 -0.31 -11.27
CA ASN A 49 4.75 -0.16 -12.73
C ASN A 49 4.07 1.15 -13.17
N CYS A 50 4.00 2.18 -12.31
CA CYS A 50 3.15 3.33 -12.51
C CYS A 50 3.91 4.49 -13.14
N LEU A 1 2.08 1.77 -16.16
CA LEU A 1 0.83 1.05 -15.83
C LEU A 1 0.78 0.74 -14.34
N CYS A 2 -0.06 1.47 -13.60
CA CYS A 2 -0.13 1.46 -12.15
C CYS A 2 -0.70 0.14 -11.63
N ASN A 3 0.17 -0.84 -11.39
CA ASN A 3 -0.23 -2.12 -10.81
C ASN A 3 -0.52 -1.90 -9.34
N GLU A 4 -1.79 -1.62 -9.04
CA GLU A 4 -2.30 -1.51 -7.70
C GLU A 4 -2.39 -2.94 -7.16
N ARG A 5 -1.72 -3.18 -6.04
CA ARG A 5 -1.44 -4.48 -5.46
C ARG A 5 -1.64 -4.33 -3.95
N PRO A 6 -2.22 -5.32 -3.27
CA PRO A 6 -2.53 -5.25 -1.86
C PRO A 6 -1.26 -5.26 -0.99
N SER A 7 -1.46 -5.04 0.31
CA SER A 7 -0.43 -4.99 1.33
C SER A 7 0.42 -6.26 1.34
N GLN A 8 1.70 -6.15 0.95
CA GLN A 8 2.69 -7.20 1.09
C GLN A 8 3.40 -7.05 2.44
N THR A 9 4.04 -5.90 2.67
CA THR A 9 4.74 -5.66 3.95
C THR A 9 3.72 -5.40 5.05
N TRP A 10 2.81 -4.48 4.75
CA TRP A 10 1.87 -3.95 5.71
C TRP A 10 0.91 -5.04 6.18
N SER A 11 0.46 -4.93 7.43
CA SER A 11 -0.30 -5.95 8.12
C SER A 11 -1.82 -5.87 7.80
N GLY A 12 -2.66 -5.98 8.84
CA GLY A 12 -4.10 -5.96 8.71
C GLY A 12 -4.63 -4.62 8.23
N ASN A 13 -5.01 -3.80 9.21
CA ASN A 13 -5.66 -2.52 9.01
C ASN A 13 -4.62 -1.42 8.71
N CYS A 14 -5.06 -0.21 8.32
CA CYS A 14 -4.23 0.88 7.81
C CYS A 14 -4.96 2.17 8.15
N GLY A 15 -4.20 3.26 8.27
CA GLY A 15 -4.74 4.58 8.59
C GLY A 15 -3.70 5.63 8.23
N ASN A 16 -2.48 5.41 8.69
CA ASN A 16 -1.34 6.24 8.36
C ASN A 16 -0.91 5.98 6.93
N THR A 17 -1.68 6.53 5.99
CA THR A 17 -1.47 6.33 4.56
C THR A 17 -0.13 6.92 4.11
N ALA A 18 0.39 7.92 4.83
CA ALA A 18 1.74 8.40 4.60
C ALA A 18 2.72 7.24 4.85
N HIS A 19 2.64 6.60 6.02
CA HIS A 19 3.47 5.43 6.33
C HIS A 19 3.24 4.32 5.29
N CYS A 20 1.99 4.07 4.90
CA CYS A 20 1.71 3.10 3.83
C CYS A 20 2.56 3.39 2.61
N ASP A 21 2.53 4.65 2.16
CA ASP A 21 3.30 5.05 0.99
C ASP A 21 4.79 4.88 1.29
N LYS A 22 5.26 5.26 2.49
CA LYS A 22 6.65 5.02 2.87
C LYS A 22 7.00 3.55 2.64
N GLN A 23 6.26 2.63 3.24
CA GLN A 23 6.56 1.22 3.05
C GLN A 23 6.63 0.89 1.55
N CYS A 24 5.56 1.21 0.82
CA CYS A 24 5.45 0.80 -0.56
C CYS A 24 6.62 1.30 -1.42
N GLN A 25 7.11 2.52 -1.20
CA GLN A 25 8.23 3.06 -1.95
C GLN A 25 9.58 2.60 -1.38
N ASP A 26 9.71 2.61 -0.06
CA ASP A 26 10.95 2.42 0.68
C ASP A 26 11.26 0.94 0.85
N TRP A 27 10.33 0.22 1.50
CA TRP A 27 10.46 -1.19 1.86
C TRP A 27 10.29 -2.03 0.59
N GLU A 28 9.14 -1.86 -0.05
CA GLU A 28 8.88 -2.41 -1.37
C GLU A 28 9.56 -1.48 -2.38
N LYS A 29 9.05 -1.32 -3.59
CA LYS A 29 9.63 -0.54 -4.66
C LYS A 29 8.50 -0.27 -5.65
N ALA A 30 7.43 0.29 -5.10
CA ALA A 30 6.26 0.73 -5.82
C ALA A 30 6.41 2.22 -6.14
N SER A 31 5.67 2.71 -7.14
CA SER A 31 5.53 4.10 -7.45
C SER A 31 5.03 4.88 -6.23
N HIS A 32 3.99 4.38 -5.55
CA HIS A 32 3.53 4.93 -4.28
C HIS A 32 2.72 3.87 -3.52
N GLY A 33 2.22 4.26 -2.34
CA GLY A 33 1.22 3.51 -1.59
C GLY A 33 0.02 4.38 -1.21
N ALA A 34 -1.08 3.74 -0.77
CA ALA A 34 -2.27 4.40 -0.26
C ALA A 34 -3.16 3.39 0.49
N CYS A 35 -3.75 3.76 1.64
CA CYS A 35 -4.64 2.90 2.42
C CYS A 35 -5.99 2.79 1.69
N HIS A 36 -6.67 1.63 1.70
CA HIS A 36 -8.07 1.48 1.26
C HIS A 36 -8.80 0.44 2.09
N LYS A 37 -10.11 0.63 2.29
CA LYS A 37 -10.95 -0.38 2.92
C LYS A 37 -11.38 -1.40 1.88
N ARG A 38 -11.08 -2.67 2.17
CA ARG A 38 -11.42 -3.83 1.36
C ARG A 38 -11.92 -4.90 2.33
N GLU A 39 -13.16 -5.39 2.13
CA GLU A 39 -13.76 -6.41 3.01
C GLU A 39 -13.69 -5.97 4.47
N ASN A 40 -13.91 -4.67 4.69
CA ASN A 40 -13.86 -3.97 5.97
C ASN A 40 -12.48 -3.99 6.64
N HIS A 41 -11.41 -4.22 5.87
CA HIS A 41 -10.05 -4.15 6.34
C HIS A 41 -9.33 -3.07 5.55
N TRP A 42 -8.80 -2.05 6.24
CA TRP A 42 -8.04 -1.02 5.56
C TRP A 42 -6.65 -1.54 5.20
N LYS A 43 -6.40 -1.90 3.95
CA LYS A 43 -5.10 -2.38 3.53
C LYS A 43 -4.31 -1.20 2.97
N CYS A 44 -3.02 -1.15 3.29
CA CYS A 44 -2.08 -0.35 2.53
C CYS A 44 -1.89 -1.01 1.16
N PHE A 45 -2.47 -0.44 0.11
CA PHE A 45 -2.19 -0.88 -1.23
C PHE A 45 -0.98 -0.14 -1.75
N CYS A 46 -0.18 -0.82 -2.56
CA CYS A 46 1.01 -0.32 -3.22
C CYS A 46 0.75 -0.35 -4.71
N TYR A 47 1.43 0.54 -5.43
CA TYR A 47 1.13 0.83 -6.82
C TYR A 47 2.43 0.76 -7.59
N PHE A 48 2.70 -0.31 -8.34
CA PHE A 48 3.98 -0.43 -9.01
C PHE A 48 3.86 0.03 -10.46
N ASN A 49 4.99 -0.02 -11.18
CA ASN A 49 5.18 0.30 -12.59
C ASN A 49 4.32 1.44 -13.13
N CYS A 50 4.00 2.47 -12.33
CA CYS A 50 2.90 3.37 -12.64
C CYS A 50 3.24 4.34 -13.78
N LEU A 1 1.78 0.49 -15.74
CA LEU A 1 0.51 0.92 -15.16
C LEU A 1 0.51 0.69 -13.65
N CYS A 2 -0.24 1.50 -12.90
CA CYS A 2 -0.17 1.59 -11.44
C CYS A 2 -0.83 0.39 -10.76
N ASN A 3 -0.26 -0.80 -10.95
CA ASN A 3 -0.93 -2.06 -10.65
C ASN A 3 -0.87 -2.46 -9.17
N GLU A 4 -1.33 -1.59 -8.26
CA GLU A 4 -2.34 -1.95 -7.30
C GLU A 4 -2.18 -3.36 -6.72
N ARG A 5 -1.51 -3.52 -5.58
CA ARG A 5 -1.43 -4.79 -4.87
C ARG A 5 -1.40 -4.51 -3.37
N PRO A 6 -1.98 -5.38 -2.53
CA PRO A 6 -2.15 -5.12 -1.12
C PRO A 6 -0.82 -5.16 -0.37
N SER A 7 -0.85 -4.66 0.87
CA SER A 7 0.16 -4.82 1.90
C SER A 7 0.80 -6.21 1.88
N GLN A 8 2.06 -6.30 1.44
CA GLN A 8 2.91 -7.45 1.68
C GLN A 8 3.77 -7.17 2.91
N THR A 9 4.37 -5.97 2.94
CA THR A 9 5.24 -5.51 4.00
C THR A 9 4.44 -5.15 5.24
N TRP A 10 3.43 -4.30 5.03
CA TRP A 10 2.74 -3.60 6.11
C TRP A 10 2.04 -4.59 7.06
N SER A 11 1.59 -5.73 6.53
CA SER A 11 1.13 -6.87 7.30
C SER A 11 0.16 -6.53 8.42
N GLY A 12 -0.95 -5.86 8.08
CA GLY A 12 -1.97 -5.55 9.06
C GLY A 12 -3.06 -4.70 8.43
N ASN A 13 -3.85 -4.05 9.28
CA ASN A 13 -4.76 -2.99 8.86
C ASN A 13 -3.96 -1.69 8.73
N CYS A 14 -4.41 -0.77 7.88
CA CYS A 14 -3.84 0.55 7.74
C CYS A 14 -3.83 1.28 9.08
N GLY A 15 -2.88 2.21 9.22
CA GLY A 15 -2.75 3.10 10.36
C GLY A 15 -2.71 4.54 9.86
N ASN A 16 -1.81 4.81 8.92
CA ASN A 16 -1.71 6.09 8.23
C ASN A 16 -1.27 5.88 6.78
N THR A 17 -2.09 6.34 5.82
CA THR A 17 -1.77 6.26 4.41
C THR A 17 -0.47 7.00 4.08
N ALA A 18 -0.19 8.09 4.80
CA ALA A 18 1.05 8.83 4.66
C ALA A 18 2.26 8.02 5.11
N HIS A 19 2.07 6.94 5.87
CA HIS A 19 3.11 5.97 6.15
C HIS A 19 3.07 4.86 5.09
N CYS A 20 1.88 4.32 4.79
CA CYS A 20 1.69 3.29 3.76
C CYS A 20 2.47 3.63 2.48
N ASP A 21 2.29 4.87 2.03
CA ASP A 21 2.89 5.34 0.79
C ASP A 21 4.41 5.31 0.88
N LYS A 22 4.97 5.55 2.08
CA LYS A 22 6.42 5.41 2.27
C LYS A 22 6.78 3.94 2.22
N GLN A 23 6.16 3.11 3.07
CA GLN A 23 6.48 1.69 3.12
C GLN A 23 6.52 1.05 1.74
N CYS A 24 5.45 1.25 0.97
CA CYS A 24 5.36 0.70 -0.37
C CYS A 24 6.58 1.04 -1.21
N GLN A 25 7.08 2.28 -1.10
CA GLN A 25 8.26 2.73 -1.83
C GLN A 25 9.50 2.11 -1.18
N ASP A 26 9.75 2.53 0.06
CA ASP A 26 10.95 2.31 0.84
C ASP A 26 11.21 0.83 0.98
N TRP A 27 10.20 0.10 1.46
CA TRP A 27 10.31 -1.32 1.70
C TRP A 27 10.02 -2.01 0.36
N GLU A 28 8.77 -1.94 -0.10
CA GLU A 28 8.21 -3.02 -0.89
C GLU A 28 8.78 -3.03 -2.31
N LYS A 29 8.73 -1.87 -3.00
CA LYS A 29 9.46 -1.42 -4.18
C LYS A 29 8.47 -0.81 -5.19
N ALA A 30 7.47 -0.10 -4.69
CA ALA A 30 6.38 0.43 -5.49
C ALA A 30 6.74 1.81 -6.02
N SER A 31 5.98 2.30 -7.01
CA SER A 31 5.96 3.68 -7.38
C SER A 31 5.49 4.52 -6.18
N HIS A 32 4.44 4.05 -5.49
CA HIS A 32 3.92 4.71 -4.30
C HIS A 32 2.96 3.76 -3.57
N GLY A 33 2.29 4.23 -2.52
CA GLY A 33 1.24 3.51 -1.83
C GLY A 33 0.06 4.39 -1.41
N ALA A 34 -1.00 3.76 -0.92
CA ALA A 34 -2.25 4.41 -0.53
C ALA A 34 -3.13 3.37 0.18
N CYS A 35 -3.76 3.72 1.32
CA CYS A 35 -4.64 2.81 2.04
C CYS A 35 -6.02 2.74 1.37
N HIS A 36 -6.68 1.59 1.44
CA HIS A 36 -8.10 1.48 1.10
C HIS A 36 -8.77 0.35 1.87
N LYS A 37 -10.10 0.38 1.90
CA LYS A 37 -10.90 -0.71 2.42
C LYS A 37 -11.09 -1.77 1.33
N ARG A 38 -10.96 -3.03 1.71
CA ARG A 38 -11.26 -4.20 0.90
C ARG A 38 -11.79 -5.27 1.87
N GLU A 39 -12.94 -5.89 1.55
CA GLU A 39 -13.56 -6.89 2.42
C GLU A 39 -13.70 -6.36 3.86
N ASN A 40 -14.05 -5.09 3.98
CA ASN A 40 -14.16 -4.31 5.21
C ASN A 40 -12.83 -4.01 5.91
N HIS A 41 -11.73 -4.62 5.48
CA HIS A 41 -10.41 -4.47 6.07
C HIS A 41 -9.68 -3.34 5.35
N TRP A 42 -9.26 -2.32 6.10
CA TRP A 42 -8.44 -1.25 5.53
C TRP A 42 -7.02 -1.75 5.34
N LYS A 43 -6.59 -2.01 4.11
CA LYS A 43 -5.24 -2.40 3.80
C LYS A 43 -4.48 -1.19 3.28
N CYS A 44 -3.23 -1.04 3.72
CA CYS A 44 -2.26 -0.33 2.90
C CYS A 44 -2.12 -1.07 1.57
N PHE A 45 -2.20 -0.34 0.45
CA PHE A 45 -1.96 -0.87 -0.88
C PHE A 45 -0.79 -0.13 -1.50
N CYS A 46 -0.11 -0.83 -2.42
CA CYS A 46 1.09 -0.39 -3.11
C CYS A 46 0.80 -0.45 -4.60
N TYR A 47 1.50 0.41 -5.34
CA TYR A 47 1.21 0.70 -6.74
C TYR A 47 2.54 0.65 -7.46
N PHE A 48 2.83 -0.40 -8.24
CA PHE A 48 4.11 -0.53 -8.90
C PHE A 48 3.98 -0.02 -10.33
N ASN A 49 5.09 -0.07 -11.08
CA ASN A 49 5.22 0.27 -12.50
C ASN A 49 4.29 1.39 -12.98
N CYS A 50 4.08 2.42 -12.17
CA CYS A 50 2.98 3.37 -12.39
C CYS A 50 3.30 4.37 -13.48
N LEU A 1 1.18 1.54 -16.48
CA LEU A 1 -0.07 0.90 -16.02
C LEU A 1 -0.05 0.70 -14.49
N CYS A 2 -0.75 1.56 -13.75
CA CYS A 2 -0.64 1.67 -12.30
C CYS A 2 -1.20 0.42 -11.61
N ASN A 3 -0.30 -0.55 -11.41
CA ASN A 3 -0.61 -1.85 -10.86
C ASN A 3 -0.87 -1.64 -9.38
N GLU A 4 -2.12 -1.34 -9.05
CA GLU A 4 -2.63 -1.20 -7.71
C GLU A 4 -2.74 -2.61 -7.13
N ARG A 5 -2.13 -2.84 -5.97
CA ARG A 5 -2.13 -4.12 -5.28
C ARG A 5 -2.21 -3.86 -3.77
N PRO A 6 -2.75 -4.79 -2.98
CA PRO A 6 -2.96 -4.58 -1.55
C PRO A 6 -1.66 -4.62 -0.76
N SER A 7 -1.79 -4.42 0.56
CA SER A 7 -0.72 -4.41 1.54
C SER A 7 0.16 -5.66 1.44
N GLN A 8 1.41 -5.48 0.98
CA GLN A 8 2.46 -6.47 1.07
C GLN A 8 3.09 -6.42 2.47
N THR A 9 4.06 -5.53 2.72
CA THR A 9 4.84 -5.61 3.95
C THR A 9 4.04 -5.14 5.17
N TRP A 10 3.06 -4.26 4.94
CA TRP A 10 2.34 -3.60 6.01
C TRP A 10 1.56 -4.62 6.85
N SER A 11 1.14 -5.73 6.23
CA SER A 11 0.63 -6.92 6.90
C SER A 11 -0.38 -6.64 8.01
N GLY A 12 -1.46 -5.91 7.72
CA GLY A 12 -2.48 -5.66 8.72
C GLY A 12 -3.56 -4.74 8.19
N ASN A 13 -4.24 -4.08 9.13
CA ASN A 13 -5.20 -3.03 8.84
C ASN A 13 -4.44 -1.68 8.72
N CYS A 14 -5.00 -0.71 8.00
CA CYS A 14 -4.36 0.56 7.67
C CYS A 14 -5.21 1.73 8.19
N GLY A 15 -4.61 2.92 8.27
CA GLY A 15 -5.28 4.17 8.56
C GLY A 15 -4.39 5.32 8.10
N ASN A 16 -3.13 5.25 8.52
CA ASN A 16 -2.13 6.28 8.22
C ASN A 16 -1.66 6.20 6.77
N THR A 17 -2.50 6.69 5.85
CA THR A 17 -2.17 6.76 4.43
C THR A 17 -0.85 7.51 4.20
N ALA A 18 -0.58 8.52 5.03
CA ALA A 18 0.66 9.29 4.96
C ALA A 18 1.88 8.44 5.28
N HIS A 19 1.73 7.37 6.07
CA HIS A 19 2.75 6.33 6.16
C HIS A 19 2.66 5.44 4.93
N CYS A 20 1.46 4.92 4.61
CA CYS A 20 1.26 3.95 3.52
C CYS A 20 2.02 4.34 2.25
N ASP A 21 1.89 5.61 1.86
CA ASP A 21 2.51 6.08 0.64
C ASP A 21 4.04 6.00 0.75
N LYS A 22 4.62 6.29 1.93
CA LYS A 22 6.05 6.10 2.14
C LYS A 22 6.37 4.61 2.04
N GLN A 23 5.63 3.81 2.81
CA GLN A 23 5.89 2.40 3.07
C GLN A 23 6.08 1.70 1.72
N CYS A 24 5.15 1.91 0.80
CA CYS A 24 5.15 1.28 -0.52
C CYS A 24 6.35 1.69 -1.37
N GLN A 25 6.88 2.90 -1.15
CA GLN A 25 8.05 3.40 -1.86
C GLN A 25 9.34 2.91 -1.18
N ASP A 26 9.31 2.78 0.16
CA ASP A 26 10.46 2.49 1.00
C ASP A 26 10.72 0.99 1.08
N TRP A 27 9.74 0.24 1.58
CA TRP A 27 9.88 -1.19 1.85
C TRP A 27 9.77 -1.94 0.52
N GLU A 28 8.68 -1.67 -0.18
CA GLU A 28 8.49 -2.03 -1.57
C GLU A 28 9.25 -0.98 -2.40
N LYS A 29 8.86 -0.77 -3.66
CA LYS A 29 9.47 0.11 -4.63
C LYS A 29 8.37 0.34 -5.66
N ALA A 30 7.20 0.69 -5.13
CA ALA A 30 6.06 1.10 -5.90
C ALA A 30 6.29 2.53 -6.39
N SER A 31 5.51 2.99 -7.37
CA SER A 31 5.44 4.40 -7.67
C SER A 31 4.96 5.15 -6.43
N HIS A 32 3.94 4.63 -5.74
CA HIS A 32 3.44 5.26 -4.53
C HIS A 32 2.54 4.27 -3.75
N GLY A 33 1.92 4.75 -2.66
CA GLY A 33 0.95 4.00 -1.86
C GLY A 33 -0.26 4.85 -1.46
N ALA A 34 -1.34 4.20 -1.00
CA ALA A 34 -2.53 4.87 -0.49
C ALA A 34 -3.41 3.88 0.28
N CYS A 35 -3.98 4.32 1.41
CA CYS A 35 -4.85 3.49 2.25
C CYS A 35 -6.20 3.33 1.57
N HIS A 36 -6.82 2.14 1.59
CA HIS A 36 -8.21 1.97 1.18
C HIS A 36 -8.93 1.00 2.09
N LYS A 37 -10.21 1.27 2.32
CA LYS A 37 -11.11 0.29 2.91
C LYS A 37 -11.63 -0.61 1.80
N ARG A 38 -11.59 -1.91 2.03
CA ARG A 38 -11.99 -2.93 1.07
C ARG A 38 -12.45 -4.16 1.85
N GLU A 39 -13.66 -4.66 1.57
CA GLU A 39 -14.33 -5.67 2.40
C GLU A 39 -14.29 -5.28 3.89
N ASN A 40 -14.44 -3.98 4.17
CA ASN A 40 -14.38 -3.36 5.48
C ASN A 40 -13.02 -3.52 6.18
N HIS A 41 -11.96 -3.81 5.44
CA HIS A 41 -10.61 -3.91 5.93
C HIS A 41 -9.80 -2.80 5.28
N TRP A 42 -9.22 -1.92 6.08
CA TRP A 42 -8.33 -0.90 5.55
C TRP A 42 -7.00 -1.52 5.19
N LYS A 43 -6.62 -1.56 3.92
CA LYS A 43 -5.31 -2.02 3.50
C LYS A 43 -4.52 -0.81 3.00
N CYS A 44 -3.22 -0.79 3.29
CA CYS A 44 -2.31 0.09 2.59
C CYS A 44 -2.06 -0.50 1.21
N PHE A 45 -2.66 0.08 0.17
CA PHE A 45 -2.44 -0.38 -1.20
C PHE A 45 -1.20 0.31 -1.76
N CYS A 46 -0.49 -0.39 -2.64
CA CYS A 46 0.71 0.07 -3.31
C CYS A 46 0.45 0.03 -4.81
N TYR A 47 1.14 0.90 -5.54
CA TYR A 47 0.85 1.23 -6.93
C TYR A 47 2.16 1.16 -7.71
N PHE A 48 2.36 0.09 -8.49
CA PHE A 48 3.68 -0.24 -8.98
C PHE A 48 3.95 0.33 -10.37
N ASN A 49 3.43 -0.32 -11.42
CA ASN A 49 3.94 -0.26 -12.79
C ASN A 49 3.38 0.96 -13.53
N CYS A 50 3.17 2.07 -12.81
CA CYS A 50 2.35 3.20 -13.21
C CYS A 50 2.92 3.97 -14.39
N LEU A 1 2.18 1.41 -16.25
CA LEU A 1 0.77 1.52 -15.81
C LEU A 1 0.67 0.94 -14.41
N CYS A 2 0.01 1.61 -13.46
CA CYS A 2 0.16 1.26 -12.06
C CYS A 2 -0.38 -0.13 -11.73
N ASN A 3 0.55 -1.05 -11.44
CA ASN A 3 0.24 -2.38 -10.91
C ASN A 3 -0.16 -2.20 -9.45
N GLU A 4 -1.44 -1.92 -9.23
CA GLU A 4 -2.05 -1.78 -7.93
C GLU A 4 -2.17 -3.18 -7.34
N ARG A 5 -1.69 -3.39 -6.12
CA ARG A 5 -1.72 -4.68 -5.44
C ARG A 5 -1.84 -4.44 -3.93
N PRO A 6 -2.45 -5.38 -3.18
CA PRO A 6 -2.69 -5.23 -1.76
C PRO A 6 -1.40 -5.30 -0.95
N SER A 7 -1.54 -5.08 0.36
CA SER A 7 -0.51 -5.13 1.38
C SER A 7 0.54 -6.21 1.11
N GLN A 8 1.74 -5.77 0.71
CA GLN A 8 2.90 -6.61 0.51
C GLN A 8 3.61 -6.77 1.86
N THR A 9 4.08 -5.64 2.39
CA THR A 9 4.75 -5.50 3.67
C THR A 9 3.70 -5.47 4.77
N TRP A 10 2.80 -4.50 4.64
CA TRP A 10 1.84 -4.07 5.64
C TRP A 10 0.80 -5.17 5.93
N SER A 11 1.22 -6.22 6.62
CA SER A 11 0.43 -7.41 6.80
C SER A 11 -0.57 -7.24 7.95
N GLY A 12 -1.51 -6.30 7.77
CA GLY A 12 -2.54 -6.02 8.75
C GLY A 12 -3.49 -4.95 8.22
N ASN A 13 -4.03 -4.15 9.14
CA ASN A 13 -4.88 -3.01 8.85
C ASN A 13 -4.04 -1.74 8.80
N CYS A 14 -4.43 -0.78 7.97
CA CYS A 14 -3.80 0.53 7.82
C CYS A 14 -3.73 1.25 9.17
N GLY A 15 -2.72 2.12 9.31
CA GLY A 15 -2.55 3.03 10.42
C GLY A 15 -2.62 4.47 9.90
N ASN A 16 -1.82 4.75 8.87
CA ASN A 16 -1.83 6.03 8.15
C ASN A 16 -1.36 5.79 6.72
N THR A 17 -2.12 6.30 5.74
CA THR A 17 -1.76 6.17 4.33
C THR A 17 -0.40 6.83 4.04
N ALA A 18 -0.08 7.90 4.78
CA ALA A 18 1.22 8.55 4.69
C ALA A 18 2.35 7.65 5.17
N HIS A 19 2.05 6.59 5.94
CA HIS A 19 3.00 5.54 6.28
C HIS A 19 2.93 4.43 5.22
N CYS A 20 1.72 4.02 4.84
CA CYS A 20 1.51 3.03 3.77
C CYS A 20 2.40 3.31 2.57
N ASP A 21 2.40 4.56 2.11
CA ASP A 21 3.17 4.95 0.95
C ASP A 21 4.66 4.75 1.20
N LYS A 22 5.12 5.00 2.44
CA LYS A 22 6.51 4.70 2.79
C LYS A 22 6.75 3.21 2.67
N GLN A 23 5.87 2.38 3.24
CA GLN A 23 6.07 0.94 3.16
C GLN A 23 5.70 0.32 1.80
N CYS A 24 5.95 1.07 0.71
CA CYS A 24 5.70 0.73 -0.68
C CYS A 24 6.82 1.37 -1.50
N GLN A 25 7.11 2.66 -1.29
CA GLN A 25 8.23 3.31 -1.95
C GLN A 25 9.56 2.93 -1.29
N ASP A 26 9.62 2.97 0.05
CA ASP A 26 10.88 2.81 0.78
C ASP A 26 11.20 1.34 0.94
N TRP A 27 10.26 0.59 1.51
CA TRP A 27 10.44 -0.80 1.90
C TRP A 27 10.45 -1.69 0.66
N GLU A 28 9.35 -1.68 -0.08
CA GLU A 28 9.24 -2.28 -1.41
C GLU A 28 9.97 -1.34 -2.39
N LYS A 29 9.47 -1.19 -3.61
CA LYS A 29 9.99 -0.30 -4.64
C LYS A 29 8.85 -0.15 -5.64
N ALA A 30 7.74 0.34 -5.09
CA ALA A 30 6.52 0.66 -5.81
C ALA A 30 6.55 2.14 -6.19
N SER A 31 5.81 2.53 -7.21
CA SER A 31 5.57 3.91 -7.59
C SER A 31 5.02 4.70 -6.40
N HIS A 32 4.01 4.16 -5.70
CA HIS A 32 3.53 4.73 -4.43
C HIS A 32 2.79 3.67 -3.63
N GLY A 33 2.26 4.07 -2.47
CA GLY A 33 1.25 3.34 -1.72
C GLY A 33 0.04 4.21 -1.41
N ALA A 34 -1.07 3.59 -1.01
CA ALA A 34 -2.28 4.25 -0.55
C ALA A 34 -3.22 3.24 0.14
N CYS A 35 -3.84 3.61 1.28
CA CYS A 35 -4.72 2.74 2.04
C CYS A 35 -6.13 2.71 1.44
N HIS A 36 -6.81 1.55 1.47
CA HIS A 36 -8.22 1.41 1.07
C HIS A 36 -8.94 0.39 1.93
N LYS A 37 -10.23 0.60 2.19
CA LYS A 37 -11.06 -0.38 2.87
C LYS A 37 -11.57 -1.40 1.86
N ARG A 38 -11.23 -2.66 2.11
CA ARG A 38 -11.71 -3.85 1.42
C ARG A 38 -12.25 -4.81 2.48
N GLU A 39 -13.49 -5.28 2.33
CA GLU A 39 -14.11 -6.23 3.26
C GLU A 39 -13.92 -5.81 4.72
N ASN A 40 -14.12 -4.51 4.96
CA ASN A 40 -13.98 -3.85 6.25
C ASN A 40 -12.57 -3.90 6.85
N HIS A 41 -11.56 -4.16 6.03
CA HIS A 41 -10.16 -4.14 6.41
C HIS A 41 -9.48 -3.06 5.56
N TRP A 42 -8.92 -2.04 6.20
CA TRP A 42 -8.15 -1.04 5.50
C TRP A 42 -6.80 -1.63 5.14
N LYS A 43 -6.58 -2.00 3.89
CA LYS A 43 -5.28 -2.49 3.45
C LYS A 43 -4.51 -1.31 2.89
N CYS A 44 -3.25 -1.19 3.31
CA CYS A 44 -2.28 -0.45 2.54
C CYS A 44 -2.06 -1.17 1.22
N PHE A 45 -2.42 -0.54 0.10
CA PHE A 45 -2.10 -1.05 -1.23
C PHE A 45 -0.85 -0.35 -1.72
N CYS A 46 -0.05 -1.05 -2.52
CA CYS A 46 1.13 -0.55 -3.19
C CYS A 46 0.86 -0.60 -4.68
N TYR A 47 1.56 0.26 -5.41
CA TYR A 47 1.32 0.52 -6.82
C TYR A 47 2.65 0.48 -7.52
N PHE A 48 2.96 -0.60 -8.23
CA PHE A 48 4.25 -0.76 -8.88
C PHE A 48 4.10 -0.36 -10.35
N ASN A 49 5.18 -0.50 -11.13
CA ASN A 49 5.16 -0.52 -12.59
C ASN A 49 4.47 0.68 -13.24
N CYS A 50 4.32 1.81 -12.53
CA CYS A 50 3.43 2.85 -13.05
C CYS A 50 4.07 3.67 -14.16
N LEU A 1 2.31 0.88 -15.87
CA LEU A 1 1.02 1.26 -15.26
C LEU A 1 1.09 1.06 -13.76
N CYS A 2 0.21 1.69 -12.99
CA CYS A 2 0.20 1.63 -11.53
C CYS A 2 -0.31 0.28 -11.04
N ASN A 3 0.54 -0.75 -11.02
CA ASN A 3 0.11 -2.15 -11.10
C ASN A 3 -0.55 -2.70 -9.83
N GLU A 4 -0.90 -1.85 -8.85
CA GLU A 4 -1.75 -2.14 -7.73
C GLU A 4 -1.48 -3.51 -7.13
N ARG A 5 -0.51 -3.59 -6.23
CA ARG A 5 -0.12 -4.78 -5.50
C ARG A 5 -0.61 -4.62 -4.06
N PRO A 6 -0.90 -5.71 -3.35
CA PRO A 6 -1.58 -5.59 -2.09
C PRO A 6 -0.63 -5.19 -0.97
N SER A 7 -1.20 -5.06 0.24
CA SER A 7 -0.43 -4.96 1.45
C SER A 7 0.26 -6.30 1.71
N GLN A 8 1.57 -6.37 1.45
CA GLN A 8 2.41 -7.51 1.72
C GLN A 8 3.33 -7.15 2.88
N THR A 9 4.00 -5.99 2.77
CA THR A 9 4.93 -5.52 3.77
C THR A 9 4.13 -5.02 4.97
N TRP A 10 3.17 -4.13 4.70
CA TRP A 10 2.19 -3.70 5.67
C TRP A 10 1.22 -4.87 5.97
N SER A 11 1.70 -5.94 6.60
CA SER A 11 0.86 -7.06 6.96
C SER A 11 -0.03 -6.71 8.15
N GLY A 12 -1.04 -5.88 7.92
CA GLY A 12 -2.02 -5.50 8.92
C GLY A 12 -3.10 -4.61 8.31
N ASN A 13 -3.78 -3.85 9.19
CA ASN A 13 -4.70 -2.80 8.80
C ASN A 13 -3.91 -1.49 8.71
N CYS A 14 -4.34 -0.58 7.84
CA CYS A 14 -3.76 0.74 7.68
C CYS A 14 -3.74 1.50 9.00
N GLY A 15 -2.77 2.40 9.14
CA GLY A 15 -2.65 3.33 10.26
C GLY A 15 -2.73 4.75 9.73
N ASN A 16 -1.87 5.06 8.76
CA ASN A 16 -1.89 6.30 8.00
C ASN A 16 -1.46 6.01 6.57
N THR A 17 -2.27 6.40 5.59
CA THR A 17 -1.94 6.21 4.18
C THR A 17 -0.65 6.96 3.82
N ALA A 18 -0.38 8.07 4.50
CA ALA A 18 0.87 8.81 4.33
C ALA A 18 2.08 8.01 4.81
N HIS A 19 1.90 7.00 5.67
CA HIS A 19 2.94 6.05 6.01
C HIS A 19 2.92 4.89 5.01
N CYS A 20 1.73 4.36 4.70
CA CYS A 20 1.55 3.31 3.70
C CYS A 20 2.38 3.59 2.46
N ASP A 21 2.32 4.84 2.01
CA ASP A 21 2.99 5.27 0.80
C ASP A 21 4.50 5.08 0.97
N LYS A 22 5.04 5.41 2.14
CA LYS A 22 6.47 5.33 2.40
C LYS A 22 6.90 3.87 2.55
N GLN A 23 6.13 3.06 3.28
CA GLN A 23 6.43 1.63 3.31
C GLN A 23 6.43 1.03 1.90
N CYS A 24 5.42 1.36 1.10
CA CYS A 24 5.34 0.90 -0.29
C CYS A 24 6.57 1.33 -1.09
N GLN A 25 7.09 2.54 -0.88
CA GLN A 25 8.26 3.01 -1.61
C GLN A 25 9.53 2.30 -1.09
N ASP A 26 9.70 2.25 0.23
CA ASP A 26 10.91 1.75 0.86
C ASP A 26 10.96 0.22 0.78
N TRP A 27 9.96 -0.42 1.38
CA TRP A 27 9.96 -1.85 1.62
C TRP A 27 9.64 -2.56 0.31
N GLU A 28 8.42 -2.35 -0.20
CA GLU A 28 7.84 -3.20 -1.23
C GLU A 28 8.52 -2.90 -2.57
N LYS A 29 8.42 -1.66 -3.05
CA LYS A 29 9.33 -0.89 -3.87
C LYS A 29 8.57 -0.25 -5.03
N ALA A 30 7.58 0.57 -4.69
CA ALA A 30 6.60 1.12 -5.60
C ALA A 30 6.79 2.62 -5.78
N SER A 31 6.09 3.24 -6.74
CA SER A 31 6.07 4.67 -6.91
C SER A 31 5.40 5.32 -5.71
N HIS A 32 4.29 4.72 -5.22
CA HIS A 32 3.66 5.14 -3.98
C HIS A 32 2.82 3.99 -3.44
N GLY A 33 2.12 4.28 -2.35
CA GLY A 33 1.12 3.45 -1.74
C GLY A 33 -0.15 4.25 -1.45
N ALA A 34 -1.25 3.55 -1.18
CA ALA A 34 -2.52 4.13 -0.80
C ALA A 34 -3.39 3.08 -0.11
N CYS A 35 -3.98 3.43 1.04
CA CYS A 35 -4.82 2.54 1.81
C CYS A 35 -6.23 2.44 1.20
N HIS A 36 -6.87 1.26 1.26
CA HIS A 36 -8.27 1.08 0.83
C HIS A 36 -8.99 0.08 1.73
N LYS A 37 -10.27 0.32 2.01
CA LYS A 37 -11.07 -0.58 2.82
C LYS A 37 -11.62 -1.71 1.95
N ARG A 38 -11.29 -2.94 2.34
CA ARG A 38 -11.63 -4.17 1.64
C ARG A 38 -11.99 -5.20 2.72
N GLU A 39 -13.19 -5.78 2.63
CA GLU A 39 -13.74 -6.65 3.68
C GLU A 39 -13.63 -6.01 5.06
N ASN A 40 -13.92 -4.70 5.12
CA ASN A 40 -13.83 -3.86 6.29
C ASN A 40 -12.42 -3.75 6.90
N HIS A 41 -11.38 -4.06 6.12
CA HIS A 41 -10.01 -3.94 6.53
C HIS A 41 -9.30 -2.97 5.59
N TRP A 42 -8.71 -1.91 6.13
CA TRP A 42 -7.95 -0.95 5.35
C TRP A 42 -6.61 -1.53 4.97
N LYS A 43 -6.40 -1.89 3.70
CA LYS A 43 -5.17 -2.48 3.21
C LYS A 43 -4.37 -1.41 2.49
N CYS A 44 -3.11 -1.26 2.90
CA CYS A 44 -2.11 -0.44 2.25
C CYS A 44 -1.66 -1.09 0.95
N PHE A 45 -2.20 -0.65 -0.20
CA PHE A 45 -1.79 -1.20 -1.49
C PHE A 45 -0.70 -0.32 -2.08
N CYS A 46 0.17 -0.90 -2.90
CA CYS A 46 1.35 -0.29 -3.48
C CYS A 46 1.23 -0.26 -4.99
N TYR A 47 1.86 0.71 -5.64
CA TYR A 47 1.63 1.03 -7.04
C TYR A 47 2.96 1.18 -7.77
N PHE A 48 3.33 0.17 -8.57
CA PHE A 48 4.71 -0.01 -8.99
C PHE A 48 5.08 0.86 -10.19
N ASN A 49 4.78 0.42 -11.42
CA ASN A 49 5.30 1.04 -12.65
C ASN A 49 4.38 2.19 -13.05
N CYS A 50 4.05 3.04 -12.09
CA CYS A 50 3.00 4.05 -12.18
C CYS A 50 3.47 5.28 -12.96
N LEU A 1 1.50 -0.42 -15.93
CA LEU A 1 0.21 0.02 -15.38
C LEU A 1 0.19 -0.20 -13.86
N CYS A 2 -0.74 0.46 -13.16
CA CYS A 2 -0.77 0.46 -11.71
C CYS A 2 -1.23 -0.87 -11.11
N ASN A 3 -0.25 -1.70 -10.76
CA ASN A 3 -0.50 -2.97 -10.07
C ASN A 3 -0.87 -2.64 -8.63
N GLU A 4 -2.13 -2.27 -8.40
CA GLU A 4 -2.63 -1.88 -7.12
C GLU A 4 -2.76 -3.11 -6.23
N ARG A 5 -1.64 -3.52 -5.65
CA ARG A 5 -1.48 -4.78 -4.93
C ARG A 5 -1.64 -4.51 -3.44
N PRO A 6 -2.34 -5.38 -2.69
CA PRO A 6 -2.65 -5.16 -1.29
C PRO A 6 -1.41 -5.30 -0.41
N SER A 7 -1.54 -4.84 0.83
CA SER A 7 -0.53 -4.80 1.87
C SER A 7 0.43 -5.98 1.84
N GLN A 8 1.66 -5.72 1.37
CA GLN A 8 2.79 -6.62 1.44
C GLN A 8 3.51 -6.34 2.76
N THR A 9 4.50 -5.45 2.74
CA THR A 9 5.40 -5.19 3.85
C THR A 9 4.71 -4.41 4.96
N TRP A 10 3.50 -3.91 4.70
CA TRP A 10 2.64 -3.40 5.75
C TRP A 10 2.15 -4.54 6.67
N SER A 11 1.80 -5.69 6.07
CA SER A 11 1.30 -6.87 6.77
C SER A 11 0.34 -6.55 7.93
N GLY A 12 -0.82 -5.97 7.64
CA GLY A 12 -1.82 -5.70 8.66
C GLY A 12 -2.98 -4.88 8.12
N ASN A 13 -3.70 -4.21 9.03
CA ASN A 13 -4.67 -3.18 8.69
C ASN A 13 -3.94 -1.84 8.66
N CYS A 14 -4.39 -0.90 7.84
CA CYS A 14 -3.83 0.44 7.73
C CYS A 14 -3.80 1.14 9.08
N GLY A 15 -2.84 2.06 9.24
CA GLY A 15 -2.71 2.96 10.37
C GLY A 15 -2.60 4.40 9.89
N ASN A 16 -1.71 4.63 8.92
CA ASN A 16 -1.53 5.93 8.27
C ASN A 16 -1.12 5.73 6.80
N THR A 17 -1.85 6.34 5.88
CA THR A 17 -1.59 6.22 4.45
C THR A 17 -0.25 6.84 4.06
N ALA A 18 0.21 7.86 4.78
CA ALA A 18 1.56 8.38 4.56
C ALA A 18 2.57 7.27 4.83
N HIS A 19 2.41 6.58 5.96
CA HIS A 19 3.29 5.47 6.31
C HIS A 19 3.13 4.34 5.28
N CYS A 20 1.90 4.04 4.84
CA CYS A 20 1.68 3.07 3.76
C CYS A 20 2.56 3.39 2.56
N ASP A 21 2.53 4.66 2.13
CA ASP A 21 3.30 5.08 0.98
C ASP A 21 4.79 4.91 1.28
N LYS A 22 5.25 5.36 2.46
CA LYS A 22 6.64 5.14 2.86
C LYS A 22 7.00 3.68 2.66
N GLN A 23 6.28 2.78 3.34
CA GLN A 23 6.56 1.35 3.25
C GLN A 23 6.66 0.89 1.79
N CYS A 24 5.63 1.18 0.99
CA CYS A 24 5.57 0.70 -0.39
C CYS A 24 6.76 1.19 -1.24
N GLN A 25 7.21 2.42 -1.03
CA GLN A 25 8.34 2.97 -1.80
C GLN A 25 9.69 2.52 -1.19
N ASP A 26 9.75 2.48 0.14
CA ASP A 26 10.96 2.30 0.92
C ASP A 26 11.31 0.82 1.02
N TRP A 27 10.40 0.03 1.60
CA TRP A 27 10.58 -1.39 1.87
C TRP A 27 10.45 -2.13 0.55
N GLU A 28 9.29 -1.99 -0.09
CA GLU A 28 9.07 -2.47 -1.44
C GLU A 28 9.71 -1.43 -2.38
N LYS A 29 9.20 -1.24 -3.59
CA LYS A 29 9.74 -0.38 -4.62
C LYS A 29 8.57 -0.14 -5.58
N ALA A 30 7.50 0.39 -5.00
CA ALA A 30 6.34 0.82 -5.73
C ALA A 30 6.54 2.24 -6.26
N SER A 31 5.74 2.67 -7.24
CA SER A 31 5.59 4.07 -7.56
C SER A 31 5.17 4.82 -6.30
N HIS A 32 4.17 4.30 -5.59
CA HIS A 32 3.70 4.85 -4.32
C HIS A 32 2.89 3.80 -3.57
N GLY A 33 2.42 4.16 -2.38
CA GLY A 33 1.39 3.44 -1.64
C GLY A 33 0.21 4.36 -1.30
N ALA A 34 -0.91 3.76 -0.90
CA ALA A 34 -2.09 4.45 -0.39
C ALA A 34 -3.03 3.45 0.28
N CYS A 35 -3.66 3.81 1.40
CA CYS A 35 -4.56 2.92 2.12
C CYS A 35 -5.96 2.92 1.49
N HIS A 36 -6.66 1.77 1.50
CA HIS A 36 -8.08 1.70 1.17
C HIS A 36 -8.75 0.57 1.93
N LYS A 37 -10.09 0.62 1.98
CA LYS A 37 -10.91 -0.47 2.46
C LYS A 37 -11.12 -1.46 1.31
N ARG A 38 -11.07 -2.75 1.65
CA ARG A 38 -11.31 -3.84 0.73
C ARG A 38 -11.82 -5.01 1.58
N GLU A 39 -12.95 -5.61 1.20
CA GLU A 39 -13.65 -6.64 1.98
C GLU A 39 -13.79 -6.23 3.46
N ASN A 40 -14.11 -4.95 3.68
CA ASN A 40 -14.26 -4.30 4.97
C ASN A 40 -12.98 -4.28 5.82
N HIS A 41 -11.82 -4.47 5.20
CA HIS A 41 -10.52 -4.40 5.86
C HIS A 41 -9.73 -3.26 5.21
N TRP A 42 -9.30 -2.29 6.01
CA TRP A 42 -8.46 -1.21 5.53
C TRP A 42 -7.05 -1.73 5.32
N LYS A 43 -6.60 -1.91 4.08
CA LYS A 43 -5.24 -2.31 3.78
C LYS A 43 -4.49 -1.09 3.29
N CYS A 44 -3.20 -1.03 3.62
CA CYS A 44 -2.27 -0.33 2.76
C CYS A 44 -2.22 -1.06 1.42
N PHE A 45 -2.25 -0.34 0.30
CA PHE A 45 -2.04 -0.88 -1.03
C PHE A 45 -0.83 -0.18 -1.64
N CYS A 46 -0.08 -0.91 -2.47
CA CYS A 46 1.11 -0.46 -3.17
C CYS A 46 0.84 -0.53 -4.66
N TYR A 47 1.50 0.34 -5.40
CA TYR A 47 1.21 0.62 -6.80
C TYR A 47 2.53 0.52 -7.58
N PHE A 48 2.78 -0.58 -8.31
CA PHE A 48 4.10 -0.84 -8.82
C PHE A 48 4.40 -0.14 -10.14
N ASN A 49 3.99 -0.70 -11.28
CA ASN A 49 4.41 -0.18 -12.59
C ASN A 49 3.48 0.96 -13.01
N CYS A 50 3.18 1.86 -12.06
CA CYS A 50 2.18 2.90 -12.19
C CYS A 50 2.78 4.17 -12.79
N LEU A 1 1.83 1.80 -16.29
CA LEU A 1 0.57 1.12 -15.93
C LEU A 1 0.56 0.75 -14.45
N CYS A 2 -0.22 1.47 -13.65
CA CYS A 2 -0.20 1.45 -12.20
C CYS A 2 -0.69 0.11 -11.65
N ASN A 3 0.27 -0.80 -11.39
CA ASN A 3 0.02 -2.12 -10.85
C ASN A 3 -0.30 -1.94 -9.37
N GLU A 4 -1.57 -1.66 -9.09
CA GLU A 4 -2.10 -1.57 -7.76
C GLU A 4 -2.21 -3.00 -7.22
N ARG A 5 -1.64 -3.25 -6.05
CA ARG A 5 -1.67 -4.54 -5.38
C ARG A 5 -1.82 -4.28 -3.87
N PRO A 6 -2.44 -5.22 -3.13
CA PRO A 6 -2.73 -5.04 -1.70
C PRO A 6 -1.45 -5.09 -0.86
N SER A 7 -1.63 -4.91 0.44
CA SER A 7 -0.57 -4.89 1.44
C SER A 7 0.26 -6.17 1.41
N GLN A 8 1.46 -6.11 0.86
CA GLN A 8 2.45 -7.17 0.94
C GLN A 8 3.25 -7.03 2.23
N THR A 9 3.79 -5.84 2.47
CA THR A 9 4.55 -5.49 3.66
C THR A 9 3.62 -5.33 4.84
N TRP A 10 2.71 -4.37 4.69
CA TRP A 10 1.82 -3.85 5.72
C TRP A 10 0.84 -4.93 6.18
N SER A 11 1.32 -5.88 6.97
CA SER A 11 0.53 -7.05 7.31
C SER A 11 -0.43 -6.74 8.46
N GLY A 12 -1.40 -5.87 8.20
CA GLY A 12 -2.39 -5.47 9.18
C GLY A 12 -3.41 -4.51 8.56
N ASN A 13 -4.01 -3.68 9.42
CA ASN A 13 -4.98 -2.66 9.05
C ASN A 13 -4.26 -1.31 8.88
N CYS A 14 -4.78 -0.43 8.03
CA CYS A 14 -4.14 0.80 7.56
C CYS A 14 -4.89 2.02 8.08
N GLY A 15 -4.19 3.15 8.19
CA GLY A 15 -4.78 4.43 8.57
C GLY A 15 -3.82 5.55 8.17
N ASN A 16 -2.57 5.43 8.63
CA ASN A 16 -1.52 6.36 8.28
C ASN A 16 -1.06 6.11 6.84
N THR A 17 -1.81 6.67 5.90
CA THR A 17 -1.56 6.47 4.48
C THR A 17 -0.21 7.03 4.03
N ALA A 18 0.34 8.02 4.75
CA ALA A 18 1.71 8.47 4.51
C ALA A 18 2.66 7.31 4.82
N HIS A 19 2.55 6.73 6.02
CA HIS A 19 3.34 5.56 6.38
C HIS A 19 3.14 4.44 5.36
N CYS A 20 1.89 4.18 4.96
CA CYS A 20 1.60 3.20 3.90
C CYS A 20 2.47 3.46 2.68
N ASP A 21 2.48 4.71 2.21
CA ASP A 21 3.23 5.06 1.03
C ASP A 21 4.73 4.83 1.30
N LYS A 22 5.21 5.11 2.52
CA LYS A 22 6.57 4.73 2.87
C LYS A 22 6.77 3.22 2.72
N GLN A 23 5.89 2.40 3.29
CA GLN A 23 6.03 0.94 3.20
C GLN A 23 5.64 0.35 1.83
N CYS A 24 5.91 1.10 0.77
CA CYS A 24 5.66 0.78 -0.63
C CYS A 24 6.81 1.39 -1.43
N GLN A 25 7.11 2.69 -1.21
CA GLN A 25 8.26 3.31 -1.87
C GLN A 25 9.58 2.87 -1.23
N ASP A 26 9.67 2.86 0.10
CA ASP A 26 10.93 2.53 0.78
C ASP A 26 11.10 1.02 0.83
N TRP A 27 10.12 0.34 1.42
CA TRP A 27 10.28 -1.06 1.80
C TRP A 27 10.27 -1.92 0.53
N GLU A 28 9.19 -1.82 -0.23
CA GLU A 28 9.02 -2.58 -1.45
C GLU A 28 9.91 -1.96 -2.52
N LYS A 29 9.42 -0.93 -3.21
CA LYS A 29 9.95 -0.05 -4.24
C LYS A 29 8.90 0.06 -5.34
N ALA A 30 7.75 0.60 -4.95
CA ALA A 30 6.60 0.85 -5.80
C ALA A 30 6.56 2.35 -6.13
N SER A 31 5.75 2.74 -7.11
CA SER A 31 5.52 4.12 -7.46
C SER A 31 4.99 4.90 -6.25
N HIS A 32 3.98 4.37 -5.54
CA HIS A 32 3.52 4.92 -4.28
C HIS A 32 2.75 3.86 -3.50
N GLY A 33 2.24 4.25 -2.32
CA GLY A 33 1.23 3.51 -1.58
C GLY A 33 0.03 4.38 -1.22
N ALA A 34 -1.08 3.76 -0.83
CA ALA A 34 -2.25 4.43 -0.29
C ALA A 34 -3.17 3.45 0.46
N CYS A 35 -3.78 3.87 1.58
CA CYS A 35 -4.67 3.03 2.37
C CYS A 35 -6.02 2.90 1.63
N HIS A 36 -6.68 1.73 1.64
CA HIS A 36 -8.07 1.56 1.19
C HIS A 36 -8.80 0.53 2.04
N LYS A 37 -10.11 0.71 2.22
CA LYS A 37 -10.95 -0.30 2.84
C LYS A 37 -11.37 -1.32 1.78
N ARG A 38 -11.10 -2.59 2.06
CA ARG A 38 -11.44 -3.74 1.24
C ARG A 38 -11.97 -4.83 2.18
N GLU A 39 -13.20 -5.30 1.96
CA GLU A 39 -13.84 -6.31 2.81
C GLU A 39 -13.76 -5.91 4.29
N ASN A 40 -13.99 -4.62 4.53
CA ASN A 40 -13.95 -3.96 5.82
C ASN A 40 -12.59 -3.99 6.51
N HIS A 41 -11.51 -4.22 5.75
CA HIS A 41 -10.14 -4.16 6.24
C HIS A 41 -9.42 -3.06 5.48
N TRP A 42 -8.90 -2.06 6.18
CA TRP A 42 -8.11 -1.02 5.55
C TRP A 42 -6.73 -1.57 5.23
N LYS A 43 -6.40 -1.81 3.96
CA LYS A 43 -5.07 -2.29 3.57
C LYS A 43 -4.29 -1.11 3.00
N CYS A 44 -3.00 -1.09 3.28
CA CYS A 44 -2.08 -0.27 2.51
C CYS A 44 -1.87 -0.94 1.17
N PHE A 45 -2.44 -0.39 0.10
CA PHE A 45 -2.17 -0.87 -1.24
C PHE A 45 -0.94 -0.16 -1.74
N CYS A 46 -0.09 -0.88 -2.47
CA CYS A 46 1.09 -0.37 -3.14
C CYS A 46 0.82 -0.41 -4.63
N TYR A 47 1.49 0.50 -5.35
CA TYR A 47 1.21 0.80 -6.74
C TYR A 47 2.54 0.78 -7.47
N PHE A 48 2.82 -0.27 -8.23
CA PHE A 48 4.05 -0.39 -8.97
C PHE A 48 3.81 0.06 -10.42
N ASN A 49 4.84 -0.02 -11.25
CA ASN A 49 4.77 0.01 -12.71
C ASN A 49 4.06 1.25 -13.29
N CYS A 50 3.84 2.31 -12.51
CA CYS A 50 2.81 3.30 -12.81
C CYS A 50 3.22 4.26 -13.91
N LEU A 1 1.24 1.18 -15.79
CA LEU A 1 -0.07 0.84 -15.20
C LEU A 1 0.08 0.71 -13.69
N CYS A 2 -0.45 1.67 -12.92
CA CYS A 2 -0.26 1.81 -11.48
C CYS A 2 -1.10 0.76 -10.72
N ASN A 3 -0.81 -0.51 -10.96
CA ASN A 3 -1.79 -1.59 -10.79
C ASN A 3 -1.81 -2.17 -9.37
N GLU A 4 -1.90 -1.30 -8.37
CA GLU A 4 -2.69 -1.50 -7.18
C GLU A 4 -2.63 -2.94 -6.64
N ARG A 5 -1.58 -3.28 -5.88
CA ARG A 5 -1.36 -4.60 -5.33
C ARG A 5 -1.29 -4.54 -3.81
N PRO A 6 -1.61 -5.65 -3.13
CA PRO A 6 -2.09 -5.58 -1.77
C PRO A 6 -0.99 -5.26 -0.75
N SER A 7 -1.40 -5.12 0.51
CA SER A 7 -0.49 -4.92 1.64
C SER A 7 0.42 -6.12 1.82
N GLN A 8 1.67 -5.96 1.40
CA GLN A 8 2.76 -6.89 1.60
C GLN A 8 3.43 -6.55 2.93
N THR A 9 4.46 -5.71 2.90
CA THR A 9 5.33 -5.38 4.01
C THR A 9 4.65 -4.45 5.02
N TRP A 10 3.47 -3.91 4.69
CA TRP A 10 2.67 -3.27 5.72
C TRP A 10 2.18 -4.34 6.71
N SER A 11 1.82 -5.53 6.20
CA SER A 11 1.53 -6.71 6.98
C SER A 11 0.49 -6.48 8.08
N GLY A 12 -0.70 -5.97 7.73
CA GLY A 12 -1.76 -5.77 8.69
C GLY A 12 -2.90 -4.94 8.12
N ASN A 13 -3.62 -4.24 8.99
CA ASN A 13 -4.59 -3.21 8.61
C ASN A 13 -3.87 -1.87 8.61
N CYS A 14 -4.27 -0.96 7.73
CA CYS A 14 -3.73 0.39 7.61
C CYS A 14 -3.81 1.13 8.95
N GLY A 15 -2.91 2.10 9.12
CA GLY A 15 -2.87 3.03 10.24
C GLY A 15 -2.98 4.46 9.69
N ASN A 16 -2.14 4.79 8.71
CA ASN A 16 -2.17 6.06 8.02
C ASN A 16 -1.65 5.89 6.58
N THR A 17 -2.44 6.33 5.60
CA THR A 17 -2.07 6.31 4.19
C THR A 17 -0.77 7.10 3.96
N ALA A 18 -0.57 8.17 4.75
CA ALA A 18 0.64 8.97 4.70
C ALA A 18 1.87 8.19 5.14
N HIS A 19 1.71 7.10 5.91
CA HIS A 19 2.78 6.13 6.09
C HIS A 19 2.74 5.16 4.91
N CYS A 20 1.59 4.57 4.59
CA CYS A 20 1.44 3.56 3.54
C CYS A 20 2.25 3.88 2.28
N ASP A 21 2.12 5.13 1.85
CA ASP A 21 2.74 5.56 0.61
C ASP A 21 4.26 5.43 0.76
N LYS A 22 4.79 5.83 1.92
CA LYS A 22 6.22 5.70 2.20
C LYS A 22 6.58 4.22 2.31
N GLN A 23 5.77 3.44 3.03
CA GLN A 23 6.09 2.10 3.48
C GLN A 23 6.40 1.25 2.23
N CYS A 24 5.56 1.40 1.20
CA CYS A 24 5.68 0.71 -0.09
C CYS A 24 6.92 1.13 -0.90
N GLN A 25 7.58 2.22 -0.52
CA GLN A 25 8.84 2.70 -1.11
C GLN A 25 10.02 2.31 -0.21
N ASP A 26 9.80 2.37 1.11
CA ASP A 26 10.79 2.14 2.16
C ASP A 26 11.15 0.66 2.20
N TRP A 27 10.14 -0.20 2.42
CA TRP A 27 10.34 -1.63 2.54
C TRP A 27 10.34 -2.20 1.13
N GLU A 28 9.18 -2.15 0.48
CA GLU A 28 9.00 -2.55 -0.90
C GLU A 28 9.61 -1.43 -1.77
N LYS A 29 9.32 -1.41 -3.06
CA LYS A 29 9.81 -0.47 -4.05
C LYS A 29 8.83 -0.57 -5.20
N ALA A 30 7.58 -0.31 -4.84
CA ALA A 30 6.56 0.09 -5.79
C ALA A 30 6.75 1.57 -6.08
N SER A 31 6.05 2.12 -7.07
CA SER A 31 6.08 3.53 -7.37
C SER A 31 5.66 4.34 -6.14
N HIS A 32 4.62 3.88 -5.43
CA HIS A 32 4.26 4.41 -4.12
C HIS A 32 3.22 3.47 -3.48
N GLY A 33 2.47 3.97 -2.49
CA GLY A 33 1.37 3.27 -1.85
C GLY A 33 0.18 4.18 -1.55
N ALA A 34 -0.95 3.58 -1.16
CA ALA A 34 -2.17 4.27 -0.73
C ALA A 34 -3.11 3.26 -0.05
N CYS A 35 -3.73 3.62 1.08
CA CYS A 35 -4.61 2.73 1.83
C CYS A 35 -6.02 2.66 1.22
N HIS A 36 -6.67 1.49 1.28
CA HIS A 36 -8.06 1.31 0.85
C HIS A 36 -8.78 0.29 1.72
N LYS A 37 -10.09 0.46 1.89
CA LYS A 37 -10.93 -0.55 2.51
C LYS A 37 -11.35 -1.58 1.47
N ARG A 38 -11.20 -2.87 1.80
CA ARG A 38 -11.86 -3.97 1.13
C ARG A 38 -12.30 -4.95 2.21
N GLU A 39 -13.50 -5.51 2.06
CA GLU A 39 -14.11 -6.44 3.03
C GLU A 39 -13.95 -5.90 4.45
N ASN A 40 -14.23 -4.62 4.63
CA ASN A 40 -14.11 -3.84 5.86
C ASN A 40 -12.66 -3.59 6.32
N HIS A 41 -11.67 -4.31 5.78
CA HIS A 41 -10.27 -4.21 6.18
C HIS A 41 -9.59 -3.14 5.35
N TRP A 42 -9.06 -2.11 6.01
CA TRP A 42 -8.22 -1.13 5.35
C TRP A 42 -6.85 -1.74 5.12
N LYS A 43 -6.43 -1.93 3.88
CA LYS A 43 -5.09 -2.40 3.55
C LYS A 43 -4.32 -1.25 2.93
N CYS A 44 -3.05 -1.12 3.30
CA CYS A 44 -2.10 -0.32 2.55
C CYS A 44 -1.79 -1.02 1.23
N PHE A 45 -2.30 -0.53 0.10
CA PHE A 45 -1.95 -1.10 -1.19
C PHE A 45 -0.71 -0.37 -1.71
N CYS A 46 0.15 -1.10 -2.41
CA CYS A 46 1.30 -0.58 -3.14
C CYS A 46 0.94 -0.49 -4.61
N TYR A 47 1.61 0.40 -5.33
CA TYR A 47 1.27 0.80 -6.69
C TYR A 47 2.56 0.74 -7.49
N PHE A 48 2.74 -0.28 -8.34
CA PHE A 48 4.00 -0.52 -9.01
C PHE A 48 3.93 0.01 -10.43
N ASN A 49 5.03 -0.16 -11.21
CA ASN A 49 5.08 -0.13 -12.67
C ASN A 49 4.08 0.87 -13.26
N CYS A 50 4.11 2.09 -12.74
CA CYS A 50 3.00 3.03 -12.85
C CYS A 50 3.08 3.89 -14.10
N LEU A 1 2.39 0.46 -15.95
CA LEU A 1 0.98 0.80 -15.74
C LEU A 1 0.54 0.35 -14.35
N CYS A 2 0.59 1.27 -13.38
CA CYS A 2 0.30 1.13 -11.96
C CYS A 2 -0.15 -0.26 -11.52
N ASN A 3 0.79 -1.19 -11.35
CA ASN A 3 0.45 -2.52 -10.85
C ASN A 3 0.18 -2.43 -9.36
N GLU A 4 -1.10 -2.29 -9.01
CA GLU A 4 -1.59 -2.28 -7.65
C GLU A 4 -1.55 -3.72 -7.12
N ARG A 5 -0.94 -3.94 -5.96
CA ARG A 5 -0.94 -5.20 -5.24
C ARG A 5 -1.28 -4.93 -3.77
N PRO A 6 -1.91 -5.89 -3.07
CA PRO A 6 -2.27 -5.74 -1.67
C PRO A 6 -1.04 -5.78 -0.77
N SER A 7 -1.28 -5.53 0.52
CA SER A 7 -0.31 -5.53 1.58
C SER A 7 0.49 -6.83 1.69
N GLN A 8 1.79 -6.73 1.45
CA GLN A 8 2.77 -7.78 1.69
C GLN A 8 3.57 -7.41 2.95
N THR A 9 4.29 -6.29 2.89
CA THR A 9 5.17 -5.82 3.95
C THR A 9 4.32 -5.30 5.11
N TRP A 10 3.33 -4.49 4.76
CA TRP A 10 2.35 -4.04 5.71
C TRP A 10 1.40 -5.20 6.04
N SER A 11 1.86 -6.20 6.78
CA SER A 11 1.09 -7.41 7.00
C SER A 11 -0.02 -7.20 8.05
N GLY A 12 -0.99 -6.33 7.77
CA GLY A 12 -2.06 -6.07 8.71
C GLY A 12 -3.08 -5.06 8.17
N ASN A 13 -3.67 -4.28 9.09
CA ASN A 13 -4.64 -3.23 8.80
C ASN A 13 -3.91 -1.89 8.73
N CYS A 14 -4.44 -0.96 7.95
CA CYS A 14 -3.84 0.31 7.57
C CYS A 14 -4.53 1.43 8.32
N GLY A 15 -3.96 2.64 8.23
CA GLY A 15 -4.53 3.86 8.73
C GLY A 15 -3.67 5.02 8.24
N ASN A 16 -2.40 5.00 8.68
CA ASN A 16 -1.41 5.97 8.23
C ASN A 16 -0.97 5.67 6.80
N THR A 17 -1.76 6.14 5.84
CA THR A 17 -1.44 5.98 4.42
C THR A 17 -0.08 6.60 4.07
N ALA A 18 0.33 7.66 4.79
CA ALA A 18 1.63 8.28 4.60
C ALA A 18 2.76 7.46 5.23
N HIS A 19 2.46 6.40 5.98
CA HIS A 19 3.38 5.33 6.29
C HIS A 19 3.26 4.22 5.24
N CYS A 20 2.03 3.86 4.84
CA CYS A 20 1.79 2.85 3.81
C CYS A 20 2.64 3.10 2.57
N ASP A 21 2.70 4.35 2.11
CA ASP A 21 3.47 4.66 0.90
C ASP A 21 4.94 4.35 1.14
N LYS A 22 5.42 4.48 2.39
CA LYS A 22 6.79 4.19 2.74
C LYS A 22 7.00 2.69 2.74
N GLN A 23 6.08 1.90 3.31
CA GLN A 23 6.24 0.44 3.25
C GLN A 23 5.90 -0.17 1.89
N CYS A 24 6.19 0.56 0.81
CA CYS A 24 5.92 0.24 -0.57
C CYS A 24 7.05 0.85 -1.39
N GLN A 25 7.37 2.13 -1.17
CA GLN A 25 8.50 2.79 -1.79
C GLN A 25 9.83 2.36 -1.15
N ASP A 26 9.90 2.36 0.19
CA ASP A 26 11.16 2.17 0.90
C ASP A 26 11.45 0.69 1.08
N TRP A 27 10.47 -0.04 1.61
CA TRP A 27 10.64 -1.44 1.98
C TRP A 27 10.67 -2.28 0.71
N GLU A 28 9.55 -2.28 -0.01
CA GLU A 28 9.47 -2.74 -1.39
C GLU A 28 10.13 -1.64 -2.25
N LYS A 29 9.70 -1.44 -3.49
CA LYS A 29 10.23 -0.45 -4.41
C LYS A 29 9.15 -0.27 -5.49
N ALA A 30 7.97 0.11 -5.00
CA ALA A 30 6.81 0.49 -5.76
C ALA A 30 6.87 1.99 -6.03
N SER A 31 6.06 2.48 -6.97
CA SER A 31 5.90 3.88 -7.25
C SER A 31 5.29 4.61 -6.05
N HIS A 32 4.27 4.03 -5.43
CA HIS A 32 3.76 4.50 -4.15
C HIS A 32 3.01 3.38 -3.44
N GLY A 33 2.44 3.72 -2.28
CA GLY A 33 1.43 2.95 -1.60
C GLY A 33 0.27 3.84 -1.20
N ALA A 34 -0.86 3.24 -0.80
CA ALA A 34 -2.03 3.94 -0.28
C ALA A 34 -2.94 2.96 0.46
N CYS A 35 -3.60 3.39 1.55
CA CYS A 35 -4.56 2.59 2.29
C CYS A 35 -5.87 2.49 1.49
N HIS A 36 -6.59 1.36 1.52
CA HIS A 36 -7.97 1.24 1.01
C HIS A 36 -8.77 0.26 1.85
N LYS A 37 -10.08 0.49 2.04
CA LYS A 37 -10.92 -0.46 2.75
C LYS A 37 -11.39 -1.54 1.79
N ARG A 38 -11.06 -2.79 2.12
CA ARG A 38 -11.55 -4.00 1.49
C ARG A 38 -12.13 -4.85 2.62
N GLU A 39 -13.41 -5.22 2.54
CA GLU A 39 -14.06 -6.11 3.50
C GLU A 39 -13.76 -5.66 4.93
N ASN A 40 -14.22 -4.46 5.29
CA ASN A 40 -14.01 -3.78 6.58
C ASN A 40 -12.57 -3.28 6.76
N HIS A 41 -11.59 -3.94 6.15
CA HIS A 41 -10.20 -3.79 6.51
C HIS A 41 -9.51 -2.81 5.58
N TRP A 42 -9.05 -1.71 6.15
CA TRP A 42 -8.12 -0.84 5.47
C TRP A 42 -6.82 -1.60 5.25
N LYS A 43 -6.47 -1.89 4.01
CA LYS A 43 -5.23 -2.52 3.60
C LYS A 43 -4.34 -1.46 3.00
N CYS A 44 -3.07 -1.47 3.36
CA CYS A 44 -2.07 -0.77 2.57
C CYS A 44 -1.93 -1.54 1.27
N PHE A 45 -2.06 -0.87 0.13
CA PHE A 45 -1.78 -1.41 -1.18
C PHE A 45 -0.57 -0.67 -1.74
N CYS A 46 0.27 -1.36 -2.51
CA CYS A 46 1.46 -0.84 -3.16
C CYS A 46 1.21 -0.86 -4.66
N TYR A 47 1.89 0.03 -5.39
CA TYR A 47 1.61 0.31 -6.79
C TYR A 47 2.92 0.41 -7.55
N PHE A 48 3.32 -0.60 -8.34
CA PHE A 48 4.58 -0.48 -9.04
C PHE A 48 4.37 0.09 -10.44
N ASN A 49 5.47 0.31 -11.17
CA ASN A 49 5.54 0.83 -12.54
C ASN A 49 4.41 1.82 -12.87
N CYS A 50 4.15 2.80 -11.99
CA CYS A 50 3.01 3.70 -12.13
C CYS A 50 3.39 4.98 -12.85
N LEU A 1 1.68 -0.01 -15.52
CA LEU A 1 0.34 0.29 -14.99
C LEU A 1 0.37 0.39 -13.46
N CYS A 2 -0.45 1.29 -12.90
CA CYS A 2 -0.58 1.54 -11.48
C CYS A 2 -1.35 0.38 -10.81
N ASN A 3 -0.72 -0.79 -10.78
CA ASN A 3 -1.40 -2.08 -10.67
C ASN A 3 -1.96 -2.43 -9.29
N GLU A 4 -2.08 -1.46 -8.38
CA GLU A 4 -2.88 -1.51 -7.17
C GLU A 4 -2.81 -2.86 -6.44
N ARG A 5 -1.73 -3.10 -5.71
CA ARG A 5 -1.44 -4.37 -5.05
C ARG A 5 -1.22 -4.16 -3.57
N PRO A 6 -1.54 -5.16 -2.73
CA PRO A 6 -1.78 -4.89 -1.33
C PRO A 6 -0.49 -4.73 -0.52
N SER A 7 -0.67 -4.38 0.75
CA SER A 7 0.25 -4.66 1.83
C SER A 7 0.74 -6.11 1.75
N GLN A 8 2.01 -6.31 1.38
CA GLN A 8 2.74 -7.54 1.53
C GLN A 8 3.62 -7.44 2.78
N THR A 9 4.29 -6.30 2.94
CA THR A 9 5.12 -6.01 4.10
C THR A 9 4.24 -5.71 5.31
N TRP A 10 3.41 -4.68 5.13
CA TRP A 10 2.67 -4.01 6.19
C TRP A 10 1.69 -5.00 6.82
N SER A 11 2.06 -5.54 7.98
CA SER A 11 1.49 -6.79 8.47
C SER A 11 0.16 -6.60 9.20
N GLY A 12 -0.83 -5.96 8.56
CA GLY A 12 -2.14 -5.83 9.17
C GLY A 12 -3.01 -4.78 8.47
N ASN A 13 -3.77 -4.03 9.28
CA ASN A 13 -4.71 -3.02 8.83
C ASN A 13 -3.96 -1.69 8.65
N CYS A 14 -4.51 -0.76 7.86
CA CYS A 14 -3.99 0.59 7.74
C CYS A 14 -3.96 1.27 9.11
N GLY A 15 -3.08 2.27 9.26
CA GLY A 15 -2.91 3.10 10.44
C GLY A 15 -2.76 4.55 10.00
N ASN A 16 -1.80 4.79 9.10
CA ASN A 16 -1.60 6.09 8.48
C ASN A 16 -1.14 5.95 7.02
N THR A 17 -1.98 6.41 6.09
CA THR A 17 -1.65 6.39 4.67
C THR A 17 -0.37 7.17 4.38
N ALA A 18 -0.06 8.19 5.19
CA ALA A 18 1.16 8.96 5.07
C ALA A 18 2.41 8.13 5.40
N HIS A 19 2.26 7.01 6.10
CA HIS A 19 3.33 6.01 6.15
C HIS A 19 3.16 5.08 4.94
N CYS A 20 1.96 4.55 4.70
CA CYS A 20 1.72 3.60 3.60
C CYS A 20 2.42 3.99 2.30
N ASP A 21 2.28 5.27 1.92
CA ASP A 21 2.86 5.73 0.68
C ASP A 21 4.40 5.64 0.73
N LYS A 22 5.01 5.95 1.88
CA LYS A 22 6.46 5.80 2.04
C LYS A 22 6.82 4.33 1.94
N GLN A 23 6.17 3.53 2.79
CA GLN A 23 6.38 2.12 3.00
C GLN A 23 6.47 1.43 1.64
N CYS A 24 5.46 1.65 0.81
CA CYS A 24 5.37 1.04 -0.50
C CYS A 24 6.58 1.36 -1.38
N GLN A 25 7.09 2.58 -1.31
CA GLN A 25 8.26 2.99 -2.09
C GLN A 25 9.52 2.39 -1.48
N ASP A 26 9.75 2.67 -0.19
CA ASP A 26 10.95 2.31 0.53
C ASP A 26 11.09 0.80 0.64
N TRP A 27 10.09 0.16 1.24
CA TRP A 27 10.13 -1.25 1.57
C TRP A 27 9.78 -2.04 0.31
N GLU A 28 8.52 -1.93 -0.11
CA GLU A 28 7.87 -3.00 -0.84
C GLU A 28 8.37 -3.05 -2.28
N LYS A 29 8.34 -1.90 -2.97
CA LYS A 29 9.18 -1.44 -4.06
C LYS A 29 8.27 -0.92 -5.18
N ALA A 30 7.52 0.14 -4.89
CA ALA A 30 6.45 0.61 -5.75
C ALA A 30 6.63 2.08 -6.14
N SER A 31 5.85 2.55 -7.12
CA SER A 31 5.81 3.95 -7.50
C SER A 31 5.34 4.80 -6.33
N HIS A 32 4.29 4.34 -5.63
CA HIS A 32 3.73 5.02 -4.48
C HIS A 32 2.84 4.05 -3.71
N GLY A 33 2.23 4.51 -2.62
CA GLY A 33 1.21 3.79 -1.87
C GLY A 33 0.07 4.67 -1.41
N ALA A 34 -0.96 4.05 -0.84
CA ALA A 34 -2.20 4.68 -0.43
C ALA A 34 -3.06 3.63 0.28
N CYS A 35 -3.66 3.95 1.43
CA CYS A 35 -4.54 3.03 2.14
C CYS A 35 -5.91 2.96 1.46
N HIS A 36 -6.59 1.81 1.52
CA HIS A 36 -8.01 1.73 1.18
C HIS A 36 -8.68 0.59 1.93
N LYS A 37 -10.02 0.65 1.95
CA LYS A 37 -10.87 -0.46 2.34
C LYS A 37 -11.07 -1.37 1.13
N ARG A 38 -10.88 -2.67 1.35
CA ARG A 38 -11.13 -3.74 0.40
C ARG A 38 -11.56 -4.96 1.23
N GLU A 39 -12.61 -5.69 0.84
CA GLU A 39 -13.18 -6.78 1.65
C GLU A 39 -13.60 -6.29 3.05
N ASN A 40 -14.01 -5.03 3.17
CA ASN A 40 -14.21 -4.33 4.42
C ASN A 40 -12.98 -4.32 5.34
N HIS A 41 -11.79 -4.57 4.79
CA HIS A 41 -10.52 -4.59 5.50
C HIS A 41 -9.69 -3.41 4.98
N TRP A 42 -9.34 -2.46 5.85
CA TRP A 42 -8.50 -1.34 5.47
C TRP A 42 -7.05 -1.78 5.35
N LYS A 43 -6.52 -1.91 4.13
CA LYS A 43 -5.13 -2.24 3.89
C LYS A 43 -4.38 -0.99 3.42
N CYS A 44 -3.10 -0.91 3.76
CA CYS A 44 -2.17 -0.16 2.93
C CYS A 44 -2.05 -0.85 1.57
N PHE A 45 -2.09 -0.09 0.48
CA PHE A 45 -1.87 -0.60 -0.87
C PHE A 45 -0.73 0.17 -1.52
N CYS A 46 -0.08 -0.48 -2.48
CA CYS A 46 1.08 -0.04 -3.22
C CYS A 46 0.75 -0.14 -4.70
N TYR A 47 1.44 0.65 -5.52
CA TYR A 47 1.13 0.84 -6.92
C TYR A 47 2.46 0.75 -7.67
N PHE A 48 2.74 -0.37 -8.34
CA PHE A 48 4.12 -0.75 -8.54
C PHE A 48 4.80 -0.01 -9.68
N ASN A 49 4.26 -0.16 -10.90
CA ASN A 49 4.85 0.34 -12.13
C ASN A 49 3.89 1.36 -12.74
N CYS A 50 3.57 2.40 -11.96
CA CYS A 50 2.54 3.36 -12.31
C CYS A 50 3.01 4.32 -13.40
N LEU A 1 1.72 1.40 -15.71
CA LEU A 1 0.55 0.70 -15.14
C LEU A 1 0.70 0.53 -13.62
N CYS A 2 -0.14 1.22 -12.84
CA CYS A 2 -0.04 1.31 -11.39
C CYS A 2 -0.67 0.07 -10.76
N ASN A 3 0.09 -1.03 -10.68
CA ASN A 3 -0.49 -2.39 -10.68
C ASN A 3 -1.19 -2.80 -9.37
N GLU A 4 -1.46 -1.86 -8.46
CA GLU A 4 -2.36 -1.97 -7.34
C GLU A 4 -2.27 -3.32 -6.63
N ARG A 5 -1.24 -3.52 -5.80
CA ARG A 5 -0.98 -4.77 -5.09
C ARG A 5 -1.26 -4.56 -3.61
N PRO A 6 -1.79 -5.56 -2.89
CA PRO A 6 -2.14 -5.44 -1.48
C PRO A 6 -0.98 -5.06 -0.55
N SER A 7 -1.33 -4.93 0.73
CA SER A 7 -0.41 -4.76 1.84
C SER A 7 0.53 -5.95 1.94
N GLN A 8 1.78 -5.74 1.52
CA GLN A 8 2.87 -6.68 1.58
C GLN A 8 3.67 -6.39 2.85
N THR A 9 4.68 -5.50 2.78
CA THR A 9 5.56 -5.25 3.93
C THR A 9 4.83 -4.47 5.01
N TRP A 10 3.66 -3.91 4.70
CA TRP A 10 2.79 -3.36 5.72
C TRP A 10 2.27 -4.46 6.66
N SER A 11 1.95 -5.64 6.12
CA SER A 11 1.46 -6.81 6.85
C SER A 11 0.49 -6.47 7.99
N GLY A 12 -0.68 -5.90 7.66
CA GLY A 12 -1.68 -5.63 8.68
C GLY A 12 -2.86 -4.82 8.12
N ASN A 13 -3.61 -4.18 9.01
CA ASN A 13 -4.58 -3.16 8.69
C ASN A 13 -3.86 -1.80 8.65
N CYS A 14 -4.34 -0.86 7.84
CA CYS A 14 -3.80 0.48 7.74
C CYS A 14 -3.75 1.16 9.11
N GLY A 15 -2.83 2.12 9.24
CA GLY A 15 -2.68 3.00 10.39
C GLY A 15 -2.62 4.45 9.92
N ASN A 16 -1.73 4.72 8.96
CA ASN A 16 -1.62 6.01 8.28
C ASN A 16 -1.23 5.78 6.83
N THR A 17 -2.01 6.33 5.89
CA THR A 17 -1.76 6.17 4.47
C THR A 17 -0.43 6.82 4.06
N ALA A 18 0.01 7.86 4.77
CA ALA A 18 1.35 8.40 4.55
C ALA A 18 2.38 7.30 4.82
N HIS A 19 2.25 6.60 5.95
CA HIS A 19 3.16 5.52 6.29
C HIS A 19 3.01 4.37 5.28
N CYS A 20 1.78 4.05 4.86
CA CYS A 20 1.56 3.07 3.80
C CYS A 20 2.41 3.40 2.57
N ASP A 21 2.34 4.66 2.15
CA ASP A 21 3.07 5.10 0.98
C ASP A 21 4.57 4.96 1.25
N LYS A 22 5.05 5.43 2.41
CA LYS A 22 6.46 5.25 2.77
C LYS A 22 6.85 3.79 2.61
N GLN A 23 6.16 2.89 3.30
CA GLN A 23 6.51 1.47 3.22
C GLN A 23 6.53 0.97 1.79
N CYS A 24 5.47 1.22 1.02
CA CYS A 24 5.40 0.77 -0.36
C CYS A 24 6.61 1.25 -1.16
N GLN A 25 7.01 2.51 -1.01
CA GLN A 25 8.16 3.03 -1.75
C GLN A 25 9.46 2.48 -1.14
N ASP A 26 9.71 2.85 0.11
CA ASP A 26 10.94 2.57 0.85
C ASP A 26 11.19 1.07 0.94
N TRP A 27 10.21 0.31 1.44
CA TRP A 27 10.38 -1.12 1.65
C TRP A 27 10.13 -1.78 0.29
N GLU A 28 8.90 -1.71 -0.22
CA GLU A 28 8.43 -2.74 -1.15
C GLU A 28 9.10 -2.58 -2.51
N LYS A 29 8.95 -1.42 -3.15
CA LYS A 29 9.59 -0.87 -4.32
C LYS A 29 8.52 -0.28 -5.25
N ALA A 30 7.58 0.48 -4.69
CA ALA A 30 6.45 1.01 -5.42
C ALA A 30 6.73 2.42 -5.93
N SER A 31 5.97 2.87 -6.93
CA SER A 31 5.87 4.27 -7.25
C SER A 31 5.24 5.00 -6.06
N HIS A 32 4.19 4.45 -5.47
CA HIS A 32 3.60 4.97 -4.24
C HIS A 32 2.81 3.88 -3.53
N GLY A 33 2.27 4.21 -2.36
CA GLY A 33 1.25 3.44 -1.67
C GLY A 33 0.03 4.32 -1.33
N ALA A 34 -1.07 3.68 -0.93
CA ALA A 34 -2.29 4.34 -0.47
C ALA A 34 -3.19 3.30 0.21
N CYS A 35 -3.83 3.67 1.33
CA CYS A 35 -4.73 2.79 2.08
C CYS A 35 -6.13 2.78 1.48
N HIS A 36 -6.85 1.66 1.57
CA HIS A 36 -8.24 1.54 1.15
C HIS A 36 -8.99 0.56 2.04
N LYS A 37 -10.30 0.73 2.18
CA LYS A 37 -11.16 -0.28 2.79
C LYS A 37 -11.52 -1.29 1.72
N ARG A 38 -11.18 -2.55 2.00
CA ARG A 38 -11.25 -3.68 1.10
C ARG A 38 -11.92 -4.81 1.87
N GLU A 39 -13.10 -5.26 1.46
CA GLU A 39 -13.87 -6.27 2.19
C GLU A 39 -14.01 -5.90 3.67
N ASN A 40 -14.24 -4.60 3.93
CA ASN A 40 -14.35 -3.98 5.23
C ASN A 40 -13.08 -4.05 6.08
N HIS A 41 -11.91 -4.27 5.46
CA HIS A 41 -10.63 -4.26 6.11
C HIS A 41 -9.78 -3.18 5.46
N TRP A 42 -9.29 -2.21 6.23
CA TRP A 42 -8.46 -1.16 5.68
C TRP A 42 -7.07 -1.69 5.39
N LYS A 43 -6.70 -1.89 4.12
CA LYS A 43 -5.38 -2.34 3.73
C LYS A 43 -4.62 -1.17 3.13
N CYS A 44 -3.36 -1.02 3.51
CA CYS A 44 -2.38 -0.38 2.67
C CYS A 44 -2.29 -1.13 1.34
N PHE A 45 -2.25 -0.43 0.20
CA PHE A 45 -1.97 -1.01 -1.10
C PHE A 45 -0.79 -0.24 -1.69
N CYS A 46 -0.01 -0.91 -2.53
CA CYS A 46 1.18 -0.42 -3.21
C CYS A 46 0.93 -0.43 -4.70
N TYR A 47 1.67 0.39 -5.43
CA TYR A 47 1.45 0.66 -6.84
C TYR A 47 2.80 0.66 -7.55
N PHE A 48 3.11 -0.41 -8.29
CA PHE A 48 4.45 -0.67 -8.79
C PHE A 48 4.79 0.13 -10.03
N ASN A 49 4.48 -0.38 -11.23
CA ASN A 49 5.08 0.08 -12.48
C ASN A 49 4.27 1.22 -13.05
N CYS A 50 3.92 2.18 -12.19
CA CYS A 50 2.87 3.15 -12.42
C CYS A 50 3.14 4.06 -13.62
N LEU A 1 2.17 1.59 -16.18
CA LEU A 1 0.83 1.10 -15.85
C LEU A 1 0.76 0.68 -14.38
N CYS A 2 -0.06 1.36 -13.58
CA CYS A 2 -0.02 1.28 -12.13
C CYS A 2 -0.50 -0.07 -11.61
N ASN A 3 0.44 -0.98 -11.33
CA ASN A 3 0.09 -2.28 -10.76
C ASN A 3 -0.28 -2.06 -9.31
N GLU A 4 -1.57 -1.86 -9.04
CA GLU A 4 -2.12 -1.76 -7.72
C GLU A 4 -2.13 -3.18 -7.15
N ARG A 5 -1.47 -3.38 -6.02
CA ARG A 5 -1.22 -4.66 -5.38
C ARG A 5 -1.54 -4.49 -3.89
N PRO A 6 -2.18 -5.48 -3.25
CA PRO A 6 -2.60 -5.40 -1.86
C PRO A 6 -1.41 -5.42 -0.90
N SER A 7 -1.72 -5.20 0.38
CA SER A 7 -0.78 -5.15 1.48
C SER A 7 0.06 -6.43 1.57
N GLN A 8 1.33 -6.34 1.19
CA GLN A 8 2.34 -7.36 1.41
C GLN A 8 3.18 -6.99 2.63
N THR A 9 3.85 -5.84 2.56
CA THR A 9 4.83 -5.36 3.53
C THR A 9 4.10 -4.93 4.79
N TRP A 10 3.10 -4.09 4.59
CA TRP A 10 2.19 -3.68 5.64
C TRP A 10 1.27 -4.84 5.99
N SER A 11 1.78 -5.87 6.65
CA SER A 11 1.01 -7.09 6.86
C SER A 11 -0.04 -6.96 7.96
N GLY A 12 -1.06 -6.13 7.74
CA GLY A 12 -2.14 -5.94 8.70
C GLY A 12 -3.17 -4.94 8.19
N ASN A 13 -3.70 -4.11 9.09
CA ASN A 13 -4.63 -3.03 8.79
C ASN A 13 -3.85 -1.71 8.79
N CYS A 14 -4.27 -0.76 7.96
CA CYS A 14 -3.72 0.58 7.85
C CYS A 14 -3.66 1.28 9.20
N GLY A 15 -2.72 2.22 9.33
CA GLY A 15 -2.58 3.13 10.46
C GLY A 15 -2.60 4.57 9.96
N ASN A 16 -1.72 4.87 9.00
CA ASN A 16 -1.67 6.14 8.30
C ASN A 16 -1.26 5.90 6.85
N THR A 17 -2.00 6.45 5.89
CA THR A 17 -1.75 6.23 4.47
C THR A 17 -0.42 6.85 4.04
N ALA A 18 0.05 7.90 4.72
CA ALA A 18 1.40 8.40 4.49
C ALA A 18 2.41 7.30 4.80
N HIS A 19 2.25 6.66 5.97
CA HIS A 19 3.13 5.58 6.37
C HIS A 19 2.98 4.40 5.39
N CYS A 20 1.76 4.07 4.96
CA CYS A 20 1.52 3.08 3.92
C CYS A 20 2.39 3.36 2.70
N ASP A 21 2.37 4.61 2.24
CA ASP A 21 3.12 4.99 1.05
C ASP A 21 4.62 4.81 1.31
N LYS A 22 5.11 5.20 2.49
CA LYS A 22 6.49 4.88 2.87
C LYS A 22 6.74 3.39 2.72
N GLN A 23 5.95 2.55 3.38
CA GLN A 23 6.17 1.11 3.35
C GLN A 23 5.67 0.43 2.06
N CYS A 24 5.77 1.15 0.93
CA CYS A 24 5.54 0.68 -0.42
C CYS A 24 6.70 1.19 -1.25
N GLN A 25 6.98 2.50 -1.19
CA GLN A 25 8.06 3.11 -1.94
C GLN A 25 9.41 2.73 -1.32
N ASP A 26 9.56 2.95 -0.01
CA ASP A 26 10.83 2.75 0.66
C ASP A 26 11.15 1.27 0.69
N TRP A 27 10.17 0.49 1.13
CA TRP A 27 10.32 -0.94 1.33
C TRP A 27 10.33 -1.67 -0.03
N GLU A 28 9.13 -1.92 -0.57
CA GLU A 28 8.94 -2.98 -1.55
C GLU A 28 9.50 -2.56 -2.92
N LYS A 29 9.16 -1.34 -3.34
CA LYS A 29 9.78 -0.48 -4.35
C LYS A 29 8.69 0.02 -5.29
N ALA A 30 7.61 0.56 -4.72
CA ALA A 30 6.43 0.96 -5.46
C ALA A 30 6.58 2.39 -6.00
N SER A 31 5.78 2.75 -7.00
CA SER A 31 5.54 4.11 -7.40
C SER A 31 4.94 4.90 -6.23
N HIS A 32 3.94 4.35 -5.54
CA HIS A 32 3.43 4.89 -4.29
C HIS A 32 2.67 3.82 -3.50
N GLY A 33 2.15 4.20 -2.33
CA GLY A 33 1.14 3.45 -1.60
C GLY A 33 -0.09 4.31 -1.31
N ALA A 34 -1.20 3.67 -0.92
CA ALA A 34 -2.41 4.31 -0.47
C ALA A 34 -3.31 3.29 0.24
N CYS A 35 -3.90 3.64 1.39
CA CYS A 35 -4.78 2.76 2.13
C CYS A 35 -6.18 2.71 1.51
N HIS A 36 -6.85 1.56 1.57
CA HIS A 36 -8.25 1.42 1.14
C HIS A 36 -8.98 0.44 2.05
N LYS A 37 -10.27 0.66 2.27
CA LYS A 37 -11.10 -0.32 2.96
C LYS A 37 -11.59 -1.35 1.96
N ARG A 38 -11.42 -2.62 2.31
CA ARG A 38 -11.79 -3.77 1.50
C ARG A 38 -12.20 -4.89 2.45
N GLU A 39 -13.40 -5.47 2.26
CA GLU A 39 -14.00 -6.42 3.20
C GLU A 39 -13.89 -5.93 4.65
N ASN A 40 -14.18 -4.64 4.83
CA ASN A 40 -14.12 -3.91 6.09
C ASN A 40 -12.74 -3.89 6.75
N HIS A 41 -11.67 -4.14 5.98
CA HIS A 41 -10.30 -4.07 6.46
C HIS A 41 -9.57 -3.00 5.65
N TRP A 42 -9.00 -2.00 6.31
CA TRP A 42 -8.20 -1.00 5.63
C TRP A 42 -6.85 -1.59 5.26
N LYS A 43 -6.63 -1.95 4.00
CA LYS A 43 -5.36 -2.47 3.54
C LYS A 43 -4.56 -1.32 2.96
N CYS A 44 -3.28 -1.24 3.35
CA CYS A 44 -2.31 -0.44 2.63
C CYS A 44 -2.04 -1.10 1.29
N PHE A 45 -2.51 -0.50 0.20
CA PHE A 45 -2.20 -0.99 -1.15
C PHE A 45 -0.97 -0.24 -1.64
N CYS A 46 -0.16 -0.93 -2.45
CA CYS A 46 1.04 -0.42 -3.09
C CYS A 46 0.80 -0.45 -4.59
N TYR A 47 1.52 0.39 -5.32
CA TYR A 47 1.26 0.69 -6.72
C TYR A 47 2.59 0.71 -7.44
N PHE A 48 2.91 -0.32 -8.22
CA PHE A 48 4.19 -0.38 -8.88
C PHE A 48 4.05 0.02 -10.35
N ASN A 49 5.16 0.00 -11.08
CA ASN A 49 5.27 0.16 -12.54
C ASN A 49 4.38 1.27 -13.12
N CYS A 50 4.09 2.33 -12.35
CA CYS A 50 2.98 3.22 -12.67
C CYS A 50 3.32 4.21 -13.78
#